data_5LVS
#
_entry.id   5LVS
#
_cell.length_a   158.730
_cell.length_b   54.810
_cell.length_c   84.700
_cell.angle_alpha   90.000
_cell.angle_beta   112.770
_cell.angle_gamma   90.000
#
_symmetry.space_group_name_H-M   'C 1 2 1'
#
loop_
_entity.id
_entity.type
_entity.pdbx_description
1 polymer 'Carbonic anhydrase 2'
2 polymer 'Aromatic foldamer'
3 polymer 'Aromatic foldamer'
4 non-polymer 'ZINC ION'
5 non-polymer GLYCEROL
6 water water
#
loop_
_entity_poly.entity_id
_entity_poly.type
_entity_poly.pdbx_seq_one_letter_code
_entity_poly.pdbx_strand_id
1 'polypeptide(L)'
;SHHWGYGKHNGPEHWHKDFPIAKGERQSPVDIDTHTAKYDPSLKPLSVSYDQATSLRILNNGHAFNVEFDDSQDKAVLKG
GPLDGTYRLIQFHFHWGSLDGQGSEHTVDKKKYAAELHLVHWNTKYGDFGKAVQQPDGLAVLGIFLKVGSAKPGLQKVVD
VLDSIKTKGKSADFTNFDPRGLLPESLDYWTYPGSLTTPPLLECVTWIVLKEPISVSSEQVLKFRKLNFNGEGEPEELMV
DNWRPAQPLKNRQIKASFK
;
A,B
2 'polypeptide(L)' (4SO)(A1IJ4)(QUJ)(QUK)(QVS)(QVE) C,D
3 'polypeptide(L)' (QUJ)(A1IU4)(QUK)(QUJ) H
#
loop_
_chem_comp.id
_chem_comp.type
_chem_comp.name
_chem_comp.formula
4SO non-polymer '4-sulfamoylbenzoic acid' 'C7 H7 N O4 S'
GOL non-polymer GLYCEROL 'C3 H8 O3'
ZN non-polymer 'ZINC ION' 'Zn 2'
#
# COMPACT_ATOMS: atom_id res chain seq x y z
N SER A 1 -2.54 5.98 -17.28
CA SER A 1 -2.61 4.69 -16.56
C SER A 1 -1.19 4.18 -16.27
N HIS A 2 -1.05 3.49 -15.15
CA HIS A 2 0.24 2.97 -14.71
C HIS A 2 0.47 1.62 -15.35
N HIS A 3 1.68 1.44 -15.91
CA HIS A 3 2.08 0.18 -16.54
C HIS A 3 3.53 -0.09 -16.21
N TRP A 4 3.94 -1.35 -16.26
CA TRP A 4 5.33 -1.71 -16.15
C TRP A 4 5.56 -2.98 -16.93
N GLY A 5 6.80 -3.24 -17.30
CA GLY A 5 7.12 -4.48 -18.01
C GLY A 5 8.59 -4.75 -17.99
N TYR A 6 9.06 -5.39 -19.07
CA TYR A 6 10.44 -5.79 -19.23
C TYR A 6 11.08 -5.18 -20.51
N GLY A 7 10.40 -4.22 -21.10
CA GLY A 7 10.82 -3.57 -22.31
C GLY A 7 11.81 -2.44 -22.07
N LYS A 8 12.19 -1.73 -23.13
CA LYS A 8 13.16 -0.63 -23.08
C LYS A 8 12.72 0.55 -22.18
N HIS A 9 11.44 0.92 -22.30
CA HIS A 9 10.91 2.13 -21.68
C HIS A 9 10.27 1.89 -20.33
N ASN A 10 9.77 0.67 -20.10
CA ASN A 10 9.00 0.32 -18.92
C ASN A 10 9.62 -0.78 -18.04
N GLY A 11 10.86 -1.15 -18.34
CA GLY A 11 11.56 -2.27 -17.72
C GLY A 11 12.26 -1.93 -16.42
N PRO A 12 12.99 -2.91 -15.84
CA PRO A 12 13.59 -2.80 -14.53
C PRO A 12 14.36 -1.52 -14.19
N GLU A 13 15.08 -0.95 -15.16
N GLU A 13 15.08 -0.95 -15.16
CA GLU A 13 15.81 0.30 -14.94
CA GLU A 13 15.81 0.30 -14.93
C GLU A 13 14.91 1.50 -14.71
C GLU A 13 14.91 1.50 -14.71
N HIS A 14 13.62 1.39 -15.09
CA HIS A 14 12.66 2.49 -14.93
C HIS A 14 11.62 2.30 -13.83
N TRP A 15 11.65 1.12 -13.21
CA TRP A 15 10.61 0.79 -12.19
C TRP A 15 10.62 1.76 -11.01
N HIS A 16 11.81 2.35 -10.76
CA HIS A 16 11.96 3.30 -9.66
C HIS A 16 11.09 4.56 -9.77
N LYS A 17 10.65 4.89 -10.98
CA LYS A 17 9.87 6.13 -11.17
C LYS A 17 8.52 6.03 -10.43
N ASP A 18 7.82 4.93 -10.65
CA ASP A 18 6.53 4.69 -9.99
C ASP A 18 6.71 3.97 -8.65
N PHE A 19 7.84 3.27 -8.47
CA PHE A 19 8.07 2.41 -7.29
C PHE A 19 9.46 2.72 -6.71
N PRO A 20 9.54 3.83 -5.95
CA PRO A 20 10.88 4.25 -5.52
C PRO A 20 11.62 3.30 -4.58
N ILE A 21 10.91 2.32 -4.00
CA ILE A 21 11.58 1.28 -3.23
C ILE A 21 12.51 0.42 -4.10
N ALA A 22 12.39 0.55 -5.44
CA ALA A 22 13.31 -0.16 -6.33
C ALA A 22 14.77 0.08 -6.00
N LYS A 23 15.06 1.25 -5.41
CA LYS A 23 16.42 1.59 -4.97
C LYS A 23 16.70 1.34 -3.49
N GLY A 24 15.86 0.51 -2.88
CA GLY A 24 15.90 0.22 -1.46
C GLY A 24 17.02 -0.69 -1.00
N GLU A 25 16.97 -0.96 0.29
CA GLU A 25 18.03 -1.67 0.99
C GLU A 25 17.92 -3.17 0.96
N ARG A 26 16.76 -3.70 0.55
CA ARG A 26 16.48 -5.16 0.65
C ARG A 26 15.82 -5.64 -0.63
N GLN A 27 16.34 -5.27 -1.78
CA GLN A 27 15.77 -5.62 -3.08
C GLN A 27 16.28 -6.97 -3.58
N SER A 28 15.39 -7.67 -4.33
CA SER A 28 15.70 -8.98 -4.92
C SER A 28 15.48 -8.93 -6.43
N PRO A 29 16.11 -9.81 -7.19
CA PRO A 29 16.98 -10.89 -6.71
C PRO A 29 18.42 -10.36 -6.45
N VAL A 30 19.29 -11.26 -6.07
CA VAL A 30 20.71 -10.99 -5.84
C VAL A 30 21.54 -12.10 -6.45
N ASP A 31 22.83 -11.82 -6.66
CA ASP A 31 23.79 -12.84 -6.97
C ASP A 31 24.21 -13.48 -5.66
N ILE A 32 24.34 -14.79 -5.69
CA ILE A 32 24.72 -15.62 -4.52
C ILE A 32 26.18 -15.99 -4.77
N ASP A 33 27.07 -15.32 -4.04
CA ASP A 33 28.51 -15.57 -4.12
C ASP A 33 28.79 -16.68 -3.11
N THR A 34 29.14 -17.85 -3.60
CA THR A 34 29.31 -19.00 -2.73
C THR A 34 30.54 -18.91 -1.82
N HIS A 35 31.48 -18.01 -2.15
CA HIS A 35 32.62 -17.76 -1.26
C HIS A 35 32.24 -16.91 -0.04
N THR A 36 31.18 -16.13 -0.13
CA THR A 36 30.75 -15.29 1.00
C THR A 36 29.42 -15.67 1.64
N ALA A 37 28.64 -16.53 0.98
CA ALA A 37 27.38 -16.99 1.53
C ALA A 37 27.69 -18.21 2.39
N LYS A 38 27.89 -17.94 3.68
CA LYS A 38 28.46 -18.90 4.59
C LYS A 38 27.44 -19.85 5.20
N TYR A 39 27.88 -21.08 5.41
CA TYR A 39 27.11 -22.08 6.14
C TYR A 39 26.71 -21.54 7.53
N ASP A 40 25.44 -21.68 7.87
CA ASP A 40 24.93 -21.29 9.19
C ASP A 40 24.40 -22.53 9.90
N PRO A 41 25.14 -23.04 10.89
CA PRO A 41 24.70 -24.26 11.56
C PRO A 41 23.40 -24.12 12.37
N SER A 42 22.97 -22.90 12.68
CA SER A 42 21.70 -22.68 13.38
C SER A 42 20.46 -22.80 12.48
N LEU A 43 20.64 -22.81 11.16
CA LEU A 43 19.52 -23.01 10.23
C LEU A 43 18.95 -24.42 10.32
N LYS A 44 17.64 -24.50 10.45
CA LYS A 44 16.93 -25.76 10.50
C LYS A 44 16.65 -26.32 9.09
N PRO A 45 16.31 -27.61 9.02
CA PRO A 45 15.88 -28.15 7.75
C PRO A 45 14.54 -27.53 7.36
N LEU A 46 14.40 -27.39 6.05
CA LEU A 46 13.18 -26.90 5.47
C LEU A 46 12.17 -28.06 5.51
N SER A 47 10.94 -27.74 5.91
CA SER A 47 9.82 -28.66 5.86
C SER A 47 8.82 -28.19 4.78
N VAL A 48 8.74 -28.94 3.69
CA VAL A 48 7.80 -28.71 2.60
C VAL A 48 6.67 -29.72 2.73
N SER A 49 5.45 -29.23 2.92
CA SER A 49 4.28 -30.11 3.12
C SER A 49 3.27 -29.79 2.05
N TYR A 50 3.42 -30.48 0.91
CA TYR A 50 2.56 -30.27 -0.28
C TYR A 50 1.69 -31.47 -0.65
N ASP A 51 1.60 -32.49 0.18
CA ASP A 51 0.80 -33.67 -0.16
C ASP A 51 -0.68 -33.37 -0.39
N GLN A 52 -1.21 -32.32 0.25
CA GLN A 52 -2.61 -31.92 0.11
C GLN A 52 -2.83 -30.67 -0.71
N ALA A 53 -1.77 -30.25 -1.44
CA ALA A 53 -1.91 -29.04 -2.25
C ALA A 53 -3.08 -29.12 -3.23
N THR A 54 -3.86 -28.04 -3.30
CA THR A 54 -5.08 -28.00 -4.09
C THR A 54 -4.98 -26.84 -5.10
N SER A 55 -4.58 -27.19 -6.32
CA SER A 55 -4.46 -26.14 -7.36
C SER A 55 -5.85 -25.82 -7.89
N LEU A 56 -6.04 -24.59 -8.36
CA LEU A 56 -7.34 -24.12 -8.83
C LEU A 56 -7.37 -23.69 -10.29
N ARG A 57 -6.45 -22.80 -10.66
N ARG A 57 -6.43 -22.83 -10.67
CA ARG A 57 -6.45 -22.21 -11.99
CA ARG A 57 -6.47 -22.15 -11.96
C ARG A 57 -5.08 -21.77 -12.39
C ARG A 57 -5.08 -21.77 -12.39
N ILE A 58 -4.95 -21.57 -13.69
CA ILE A 58 -3.70 -21.03 -14.25
C ILE A 58 -4.10 -19.80 -15.04
N LEU A 59 -3.27 -18.76 -14.94
N LEU A 59 -3.27 -18.76 -14.92
CA LEU A 59 -3.62 -17.41 -15.46
CA LEU A 59 -3.59 -17.48 -15.57
C LEU A 59 -2.38 -16.75 -16.08
C LEU A 59 -2.38 -16.76 -16.08
N ASN A 60 -2.57 -16.14 -17.25
CA ASN A 60 -1.54 -15.24 -17.83
C ASN A 60 -1.88 -13.84 -17.34
N ASN A 61 -1.00 -13.26 -16.53
CA ASN A 61 -1.26 -11.92 -15.95
C ASN A 61 -0.55 -10.79 -16.73
N GLY A 62 0.05 -11.11 -17.88
CA GLY A 62 0.73 -10.17 -18.70
C GLY A 62 2.19 -9.96 -18.34
N HIS A 63 2.66 -10.60 -17.26
CA HIS A 63 4.04 -10.54 -16.81
C HIS A 63 4.65 -11.93 -16.72
N ALA A 64 3.83 -12.92 -16.28
CA ALA A 64 4.18 -14.34 -16.21
C ALA A 64 2.87 -15.10 -16.25
N PHE A 65 2.91 -16.41 -15.93
CA PHE A 65 1.67 -17.15 -15.64
C PHE A 65 1.73 -17.72 -14.24
N ASN A 66 0.58 -17.61 -13.54
CA ASN A 66 0.50 -18.14 -12.18
C ASN A 66 -0.44 -19.35 -12.10
N VAL A 67 0.09 -20.33 -11.40
CA VAL A 67 -0.81 -21.44 -10.93
C VAL A 67 -1.21 -21.06 -9.53
N GLU A 68 -2.53 -20.91 -9.33
CA GLU A 68 -3.08 -20.47 -8.06
C GLU A 68 -3.64 -21.66 -7.26
N PHE A 69 -3.46 -21.56 -5.96
CA PHE A 69 -3.86 -22.65 -5.02
C PHE A 69 -4.88 -22.10 -4.04
N ASP A 70 -5.61 -23.07 -3.48
CA ASP A 70 -6.60 -22.79 -2.44
C ASP A 70 -5.80 -22.67 -1.14
N ASP A 71 -5.75 -21.46 -0.60
CA ASP A 71 -4.98 -21.16 0.60
C ASP A 71 -5.83 -20.83 1.81
N SER A 72 -7.01 -21.48 1.83
CA SER A 72 -7.97 -21.31 2.94
C SER A 72 -7.58 -22.14 4.18
N GLN A 73 -6.72 -23.14 4.00
CA GLN A 73 -6.26 -24.01 5.09
C GLN A 73 -4.80 -24.30 4.94
N ASP A 74 -4.17 -24.91 5.94
CA ASP A 74 -2.79 -25.39 5.83
C ASP A 74 -2.53 -26.65 4.92
N LYS A 75 -3.10 -26.66 3.70
CA LYS A 75 -3.01 -27.82 2.75
C LYS A 75 -1.64 -27.92 2.03
N ALA A 76 -1.02 -26.78 1.83
CA ALA A 76 0.29 -26.74 1.25
C ALA A 76 1.05 -25.65 1.97
N VAL A 77 2.02 -26.05 2.77
CA VAL A 77 2.73 -25.15 3.64
C VAL A 77 4.21 -25.38 3.64
N LEU A 78 4.90 -24.27 3.92
CA LEU A 78 6.31 -24.26 4.12
C LEU A 78 6.53 -23.90 5.59
N LYS A 79 7.38 -24.68 6.26
CA LYS A 79 7.77 -24.44 7.65
C LYS A 79 9.25 -24.72 7.81
N GLY A 80 9.76 -24.32 8.96
CA GLY A 80 11.14 -24.59 9.30
C GLY A 80 12.10 -23.71 8.51
N GLY A 81 13.29 -24.25 8.30
CA GLY A 81 14.36 -23.46 7.73
C GLY A 81 14.58 -22.17 8.52
N PRO A 82 14.60 -21.02 7.83
CA PRO A 82 14.70 -19.74 8.51
C PRO A 82 13.38 -19.17 9.05
N LEU A 83 12.28 -19.89 8.88
CA LEU A 83 10.96 -19.34 9.10
C LEU A 83 10.43 -19.59 10.50
N ASP A 84 9.75 -18.58 11.04
CA ASP A 84 8.94 -18.75 12.26
C ASP A 84 7.49 -18.92 11.83
N GLY A 85 6.81 -19.95 12.33
CA GLY A 85 5.45 -20.19 11.99
C GLY A 85 5.25 -20.88 10.66
N THR A 86 4.06 -20.66 10.09
CA THR A 86 3.53 -21.47 9.00
C THR A 86 3.24 -20.54 7.83
N TYR A 87 3.73 -20.93 6.65
CA TYR A 87 3.54 -20.13 5.44
C TYR A 87 2.74 -20.93 4.40
N ARG A 88 1.59 -20.42 4.00
CA ARG A 88 0.70 -21.12 3.06
C ARG A 88 1.00 -20.81 1.61
N LEU A 89 1.10 -21.83 0.77
CA LEU A 89 1.25 -21.65 -0.67
C LEU A 89 0.04 -21.02 -1.28
N ILE A 90 0.25 -19.91 -2.01
CA ILE A 90 -0.81 -19.23 -2.69
C ILE A 90 -0.73 -19.37 -4.20
N GLN A 91 0.51 -19.34 -4.74
CA GLN A 91 0.67 -19.48 -6.19
C GLN A 91 2.09 -19.84 -6.54
N PHE A 92 2.33 -20.31 -7.73
CA PHE A 92 3.70 -20.41 -8.26
C PHE A 92 3.69 -19.85 -9.67
N HIS A 93 4.90 -19.39 -10.08
CA HIS A 93 5.10 -18.88 -11.44
C HIS A 93 6.59 -19.02 -11.71
N PHE A 94 6.93 -18.67 -12.96
CA PHE A 94 8.31 -18.76 -13.43
C PHE A 94 8.75 -17.40 -14.04
N HIS A 95 10.07 -17.29 -14.12
CA HIS A 95 10.72 -16.26 -14.94
C HIS A 95 11.64 -17.04 -15.88
N TRP A 96 11.78 -16.55 -17.13
CA TRP A 96 12.55 -17.26 -18.13
C TRP A 96 13.13 -16.33 -19.20
N GLY A 97 14.01 -16.93 -20.00
CA GLY A 97 14.76 -16.13 -20.99
C GLY A 97 14.28 -16.32 -22.41
N SER A 98 14.88 -15.54 -23.29
CA SER A 98 14.70 -15.72 -24.73
C SER A 98 15.64 -16.77 -25.29
N LEU A 99 16.65 -17.16 -24.50
CA LEU A 99 17.69 -18.09 -24.89
C LEU A 99 17.93 -18.96 -23.69
N ASP A 100 18.40 -20.20 -23.90
CA ASP A 100 18.66 -21.13 -22.80
C ASP A 100 19.67 -20.62 -21.78
N GLY A 101 20.58 -19.76 -22.20
CA GLY A 101 21.62 -19.25 -21.31
C GLY A 101 21.25 -18.13 -20.33
N GLN A 102 19.97 -17.75 -20.29
CA GLN A 102 19.51 -16.71 -19.37
C GLN A 102 18.06 -16.95 -19.02
N GLY A 103 17.59 -16.30 -17.97
CA GLY A 103 16.21 -16.39 -17.56
C GLY A 103 15.98 -16.36 -16.07
N SER A 104 16.95 -16.86 -15.29
CA SER A 104 16.83 -16.84 -13.84
C SER A 104 17.00 -15.41 -13.31
N GLU A 105 16.41 -15.16 -12.15
CA GLU A 105 16.52 -13.90 -11.44
C GLU A 105 17.69 -13.94 -10.50
N HIS A 106 17.69 -14.88 -9.57
CA HIS A 106 18.92 -15.14 -8.81
C HIS A 106 19.98 -15.75 -9.72
N THR A 107 21.24 -15.48 -9.37
CA THR A 107 22.38 -16.07 -10.03
C THR A 107 23.28 -16.66 -8.95
N VAL A 108 24.12 -17.63 -9.33
CA VAL A 108 25.03 -18.30 -8.40
C VAL A 108 26.43 -18.15 -8.97
N ASP A 109 27.28 -17.36 -8.29
CA ASP A 109 28.59 -17.00 -8.81
C ASP A 109 28.47 -16.43 -10.23
N LYS A 110 27.44 -15.62 -10.43
CA LYS A 110 27.12 -14.94 -11.71
C LYS A 110 26.49 -15.85 -12.77
N LYS A 111 26.38 -17.16 -12.52
CA LYS A 111 25.79 -18.09 -13.46
C LYS A 111 24.27 -17.86 -13.50
N LYS A 112 23.75 -17.76 -14.72
CA LYS A 112 22.33 -17.68 -15.00
C LYS A 112 21.82 -19.02 -15.47
N TYR A 113 20.64 -19.36 -15.01
CA TYR A 113 19.91 -20.55 -15.44
C TYR A 113 18.85 -20.16 -16.48
N ALA A 114 18.27 -21.18 -17.14
CA ALA A 114 17.28 -20.94 -18.18
C ALA A 114 15.97 -20.35 -17.67
N ALA A 115 15.65 -20.65 -16.41
CA ALA A 115 14.42 -20.14 -15.81
C ALA A 115 14.54 -20.27 -14.31
N GLU A 116 13.56 -19.70 -13.60
CA GLU A 116 13.51 -19.83 -12.15
C GLU A 116 12.03 -19.92 -11.78
N LEU A 117 11.76 -20.89 -10.90
CA LEU A 117 10.42 -21.15 -10.36
C LEU A 117 10.32 -20.50 -9.01
N HIS A 118 9.22 -19.78 -8.79
CA HIS A 118 8.92 -19.15 -7.52
C HIS A 118 7.62 -19.72 -6.97
N LEU A 119 7.77 -20.35 -5.80
CA LEU A 119 6.60 -20.81 -5.05
C LEU A 119 6.37 -19.85 -3.93
N VAL A 120 5.24 -19.16 -3.97
CA VAL A 120 4.97 -18.01 -3.13
C VAL A 120 4.08 -18.39 -1.95
N HIS A 121 4.52 -18.07 -0.74
CA HIS A 121 3.79 -18.44 0.51
C HIS A 121 3.61 -17.23 1.38
N TRP A 122 2.55 -17.17 2.17
CA TRP A 122 2.33 -16.07 3.09
C TRP A 122 2.20 -16.55 4.53
N ASN A 123 2.63 -15.73 5.47
CA ASN A 123 2.68 -16.05 6.88
C ASN A 123 1.27 -15.99 7.49
N THR A 124 0.80 -17.12 7.98
CA THR A 124 -0.59 -17.19 8.50
C THR A 124 -0.86 -16.29 9.71
N LYS A 125 0.22 -15.89 10.40
CA LYS A 125 0.18 -14.93 11.53
C LYS A 125 -0.57 -13.65 11.14
N TYR A 126 -0.54 -13.31 9.85
CA TYR A 126 -1.07 -12.04 9.36
C TYR A 126 -2.46 -12.13 8.74
N GLY A 127 -3.09 -13.28 8.78
CA GLY A 127 -4.50 -13.37 8.46
C GLY A 127 -4.85 -13.63 7.01
N ASP A 128 -4.29 -12.79 6.13
CA ASP A 128 -4.43 -13.03 4.70
C ASP A 128 -3.22 -12.46 3.95
N PHE A 129 -3.10 -12.82 2.67
CA PHE A 129 -1.99 -12.35 1.84
C PHE A 129 -1.89 -10.82 1.83
N GLY A 130 -3.03 -10.14 1.71
CA GLY A 130 -3.00 -8.68 1.63
C GLY A 130 -2.37 -7.98 2.83
N LYS A 131 -2.60 -8.55 4.03
CA LYS A 131 -1.91 -8.03 5.23
C LYS A 131 -0.49 -8.52 5.33
N ALA A 132 -0.24 -9.77 4.93
CA ALA A 132 1.11 -10.33 5.01
C ALA A 132 2.12 -9.50 4.19
N VAL A 133 1.73 -9.03 3.01
CA VAL A 133 2.67 -8.31 2.14
C VAL A 133 3.11 -6.98 2.72
N GLN A 134 2.43 -6.51 3.76
CA GLN A 134 2.76 -5.29 4.48
C GLN A 134 3.79 -5.47 5.59
N GLN A 135 4.27 -6.70 5.80
CA GLN A 135 5.18 -7.05 6.91
C GLN A 135 6.54 -7.56 6.39
N PRO A 136 7.65 -7.23 7.08
CA PRO A 136 8.94 -7.71 6.63
C PRO A 136 9.09 -9.21 6.51
N ASP A 137 8.40 -9.95 7.37
CA ASP A 137 8.41 -11.42 7.36
C ASP A 137 7.08 -11.97 6.82
N GLY A 138 6.45 -11.24 5.91
CA GLY A 138 5.13 -11.62 5.46
C GLY A 138 5.07 -12.77 4.47
N LEU A 139 6.04 -12.86 3.58
CA LEU A 139 6.10 -13.88 2.54
C LEU A 139 7.34 -14.70 2.66
N ALA A 140 7.25 -15.94 2.17
CA ALA A 140 8.39 -16.77 1.94
C ALA A 140 8.28 -17.27 0.53
N VAL A 141 9.30 -17.00 -0.29
CA VAL A 141 9.35 -17.48 -1.65
C VAL A 141 10.44 -18.51 -1.78
N LEU A 142 10.04 -19.71 -2.19
CA LEU A 142 10.94 -20.80 -2.46
C LEU A 142 11.29 -20.70 -3.95
N GLY A 143 12.57 -20.44 -4.21
CA GLY A 143 13.06 -20.31 -5.58
C GLY A 143 13.87 -21.51 -6.01
N ILE A 144 13.59 -21.98 -7.22
CA ILE A 144 14.18 -23.18 -7.76
C ILE A 144 14.66 -22.92 -9.16
N PHE A 145 15.94 -23.14 -9.39
CA PHE A 145 16.49 -22.92 -10.73
C PHE A 145 16.08 -24.04 -11.69
N LEU A 146 15.91 -23.67 -12.96
CA LEU A 146 15.62 -24.64 -14.04
C LEU A 146 16.81 -24.63 -14.98
N LYS A 147 17.45 -25.78 -15.13
CA LYS A 147 18.65 -25.96 -15.99
C LYS A 147 18.19 -26.74 -17.20
N VAL A 148 18.55 -26.38 -18.41
CA VAL A 148 18.11 -27.12 -19.59
CA VAL A 148 18.12 -27.12 -19.59
C VAL A 148 18.81 -28.48 -19.62
N GLY A 149 18.03 -29.54 -19.85
CA GLY A 149 18.51 -30.91 -19.78
C GLY A 149 17.40 -31.88 -20.10
N SER A 150 17.27 -32.94 -19.30
CA SER A 150 16.16 -33.87 -19.44
C SER A 150 14.82 -33.18 -19.22
N ALA A 151 13.79 -33.70 -19.90
CA ALA A 151 12.44 -33.24 -19.63
C ALA A 151 12.05 -33.53 -18.17
N LYS A 152 11.30 -32.60 -17.60
CA LYS A 152 10.78 -32.70 -16.23
C LYS A 152 9.35 -33.20 -16.35
N PRO A 153 9.08 -34.47 -15.97
CA PRO A 153 7.74 -34.97 -16.19
C PRO A 153 6.67 -34.16 -15.46
N GLY A 154 7.01 -33.70 -14.25
CA GLY A 154 6.09 -32.93 -13.44
C GLY A 154 5.74 -31.57 -13.97
N LEU A 155 6.53 -31.06 -14.93
CA LEU A 155 6.23 -29.82 -15.62
C LEU A 155 5.26 -29.98 -16.80
N GLN A 156 5.10 -31.19 -17.31
CA GLN A 156 4.42 -31.36 -18.59
C GLN A 156 2.95 -30.96 -18.52
N LYS A 157 2.27 -31.17 -17.39
CA LYS A 157 0.88 -30.72 -17.21
C LYS A 157 0.72 -29.22 -17.41
N VAL A 158 1.73 -28.47 -16.94
CA VAL A 158 1.75 -27.02 -17.14
C VAL A 158 1.93 -26.69 -18.60
N VAL A 159 2.98 -27.24 -19.21
CA VAL A 159 3.30 -26.96 -20.60
C VAL A 159 2.10 -27.25 -21.52
N ASP A 160 1.39 -28.33 -21.23
CA ASP A 160 0.26 -28.79 -22.06
C ASP A 160 -0.97 -27.87 -22.06
N VAL A 161 -1.08 -26.95 -21.10
CA VAL A 161 -2.22 -26.02 -21.00
CA VAL A 161 -2.21 -26.02 -21.01
C VAL A 161 -1.84 -24.60 -21.47
N LEU A 162 -0.55 -24.32 -21.73
CA LEU A 162 -0.13 -22.97 -22.05
C LEU A 162 -0.77 -22.44 -23.34
N ASP A 163 -1.09 -23.32 -24.29
CA ASP A 163 -1.77 -22.86 -25.51
C ASP A 163 -3.13 -22.22 -25.24
N SER A 164 -3.74 -22.54 -24.10
CA SER A 164 -5.06 -22.01 -23.72
C SER A 164 -5.01 -20.67 -22.99
N ILE A 165 -3.82 -20.23 -22.61
CA ILE A 165 -3.66 -18.96 -21.90
C ILE A 165 -2.60 -18.08 -22.57
N LYS A 166 -2.63 -18.01 -23.90
CA LYS A 166 -1.55 -17.36 -24.62
C LYS A 166 -1.37 -15.88 -24.29
N THR A 167 -2.49 -15.18 -24.11
CA THR A 167 -2.47 -13.74 -23.97
C THR A 167 -2.93 -13.26 -22.59
N LYS A 168 -2.55 -12.04 -22.26
CA LYS A 168 -2.83 -11.42 -20.97
C LYS A 168 -4.30 -11.45 -20.64
N GLY A 169 -4.58 -11.88 -19.42
CA GLY A 169 -5.94 -12.01 -18.91
C GLY A 169 -6.61 -13.34 -19.10
N LYS A 170 -6.04 -14.22 -19.93
CA LYS A 170 -6.63 -15.54 -20.14
C LYS A 170 -6.32 -16.43 -18.94
N SER A 171 -7.31 -17.27 -18.59
CA SER A 171 -7.13 -18.27 -17.54
C SER A 171 -7.82 -19.56 -17.93
N ALA A 172 -7.47 -20.59 -17.17
CA ALA A 172 -8.08 -21.91 -17.35
C ALA A 172 -8.15 -22.62 -16.03
N ASP A 173 -9.14 -23.48 -15.90
CA ASP A 173 -9.18 -24.38 -14.77
C ASP A 173 -7.95 -25.25 -14.75
N PHE A 174 -7.44 -25.49 -13.55
CA PHE A 174 -6.17 -26.22 -13.46
C PHE A 174 -6.09 -26.91 -12.11
N THR A 175 -6.73 -28.08 -12.08
CA THR A 175 -6.96 -28.85 -10.83
C THR A 175 -6.01 -30.02 -10.72
N ASN A 176 -5.78 -30.38 -9.45
CA ASN A 176 -4.98 -31.57 -9.08
C ASN A 176 -3.52 -31.53 -9.47
N PHE A 177 -2.99 -30.34 -9.72
CA PHE A 177 -1.57 -30.25 -10.01
C PHE A 177 -0.70 -30.52 -8.80
N ASP A 178 0.36 -31.30 -9.00
CA ASP A 178 1.27 -31.68 -7.94
C ASP A 178 2.53 -30.83 -7.93
N PRO A 179 2.62 -29.87 -7.00
CA PRO A 179 3.84 -29.05 -7.00
C PRO A 179 5.07 -29.81 -6.49
N ARG A 180 4.88 -30.97 -5.88
CA ARG A 180 6.03 -31.78 -5.51
C ARG A 180 6.82 -32.25 -6.71
N GLY A 181 6.15 -32.36 -7.85
CA GLY A 181 6.81 -32.72 -9.10
C GLY A 181 7.74 -31.70 -9.69
N LEU A 182 7.80 -30.52 -9.08
CA LEU A 182 8.73 -29.46 -9.50
C LEU A 182 9.87 -29.29 -8.54
N LEU A 183 10.01 -30.13 -7.53
CA LEU A 183 11.07 -30.01 -6.57
C LEU A 183 12.26 -30.90 -6.92
N PRO A 184 13.47 -30.45 -6.58
CA PRO A 184 14.66 -31.31 -6.71
C PRO A 184 14.72 -32.26 -5.51
N GLU A 185 15.63 -33.23 -5.58
CA GLU A 185 15.78 -34.21 -4.52
C GLU A 185 16.33 -33.59 -3.22
N SER A 186 17.27 -32.65 -3.34
CA SER A 186 17.85 -32.00 -2.17
C SER A 186 17.13 -30.71 -1.86
N LEU A 187 16.87 -30.46 -0.57
CA LEU A 187 16.29 -29.19 -0.14
C LEU A 187 17.32 -28.26 0.51
N ASP A 188 18.61 -28.50 0.24
CA ASP A 188 19.66 -27.55 0.68
C ASP A 188 19.38 -26.21 0.05
N TYR A 189 19.60 -25.15 0.81
CA TYR A 189 19.19 -23.81 0.37
C TYR A 189 20.10 -22.72 0.87
N TRP A 190 19.96 -21.57 0.21
CA TRP A 190 20.45 -20.29 0.70
C TRP A 190 19.24 -19.45 1.12
N THR A 191 19.43 -18.53 2.07
CA THR A 191 18.34 -17.66 2.50
C THR A 191 18.85 -16.26 2.78
N TYR A 192 18.01 -15.27 2.49
CA TYR A 192 18.32 -13.86 2.76
C TYR A 192 17.00 -13.09 2.78
N PRO A 193 16.99 -11.89 3.42
CA PRO A 193 15.80 -11.06 3.45
C PRO A 193 15.76 -10.18 2.21
N GLY A 194 14.62 -10.18 1.52
CA GLY A 194 14.52 -9.41 0.30
C GLY A 194 13.12 -8.94 -0.04
N SER A 195 12.83 -8.92 -1.32
CA SER A 195 11.67 -8.25 -1.84
C SER A 195 10.93 -9.12 -2.90
N LEU A 196 9.74 -8.63 -3.25
CA LEU A 196 9.15 -9.02 -4.50
C LEU A 196 10.07 -8.65 -5.64
N THR A 197 10.20 -9.46 -6.66
CA THR A 197 11.09 -9.11 -7.82
C THR A 197 10.34 -8.38 -8.92
N THR A 198 9.07 -8.07 -8.72
CA THR A 198 8.26 -7.29 -9.64
C THR A 198 7.60 -6.16 -8.85
N PRO A 199 7.25 -5.07 -9.53
CA PRO A 199 6.45 -4.05 -8.87
C PRO A 199 5.25 -4.69 -8.14
N PRO A 200 4.97 -4.28 -6.92
CA PRO A 200 5.50 -3.06 -6.23
C PRO A 200 6.79 -3.25 -5.44
N LEU A 201 7.50 -4.38 -5.63
CA LEU A 201 8.86 -4.54 -5.10
C LEU A 201 8.95 -4.41 -3.57
N LEU A 202 7.85 -4.85 -2.91
CA LEU A 202 7.76 -4.71 -1.48
C LEU A 202 8.80 -5.58 -0.76
N GLU A 203 9.38 -5.05 0.30
CA GLU A 203 10.45 -5.72 1.04
C GLU A 203 9.86 -6.56 2.15
N CYS A 204 9.19 -7.64 1.74
CA CYS A 204 8.35 -8.45 2.60
C CYS A 204 8.71 -9.90 2.46
N VAL A 205 9.82 -10.29 1.86
CA VAL A 205 10.10 -11.68 1.51
C VAL A 205 11.30 -12.27 2.21
N THR A 206 11.12 -13.43 2.85
CA THR A 206 12.23 -14.29 3.20
C THR A 206 12.47 -15.19 1.99
N TRP A 207 13.57 -15.01 1.30
CA TRP A 207 13.93 -15.81 0.15
C TRP A 207 14.59 -17.09 0.58
N ILE A 208 14.15 -18.20 0.01
CA ILE A 208 14.75 -19.52 0.21
C ILE A 208 15.04 -20.04 -1.19
N VAL A 209 16.31 -20.07 -1.57
CA VAL A 209 16.72 -20.43 -2.93
C VAL A 209 17.42 -21.80 -2.84
N LEU A 210 16.90 -22.81 -3.52
CA LEU A 210 17.47 -24.14 -3.46
C LEU A 210 18.76 -24.23 -4.27
N LYS A 211 19.74 -24.94 -3.72
CA LYS A 211 21.00 -25.20 -4.39
C LYS A 211 20.86 -26.02 -5.66
N GLU A 212 20.06 -27.09 -5.58
CA GLU A 212 19.98 -28.02 -6.69
C GLU A 212 18.94 -27.55 -7.70
N PRO A 213 19.34 -27.33 -8.95
CA PRO A 213 18.32 -27.04 -9.97
C PRO A 213 17.49 -28.26 -10.30
N ILE A 214 16.32 -28.01 -10.87
CA ILE A 214 15.60 -29.06 -11.60
C ILE A 214 15.95 -28.95 -13.07
N SER A 215 15.86 -30.05 -13.81
N SER A 215 15.87 -30.05 -13.80
CA SER A 215 16.00 -30.02 -15.24
CA SER A 215 16.11 -30.05 -15.26
C SER A 215 14.68 -29.57 -15.87
C SER A 215 14.81 -29.88 -16.01
N VAL A 216 14.80 -29.08 -17.07
CA VAL A 216 13.68 -29.02 -17.95
CA VAL A 216 13.66 -28.83 -17.96
C VAL A 216 14.17 -29.16 -19.35
N SER A 217 13.34 -29.66 -20.25
CA SER A 217 13.85 -29.87 -21.60
C SER A 217 13.91 -28.59 -22.39
N SER A 218 14.77 -28.56 -23.41
CA SER A 218 14.83 -27.39 -24.29
C SER A 218 13.43 -27.10 -24.90
N GLU A 219 12.68 -28.17 -25.20
CA GLU A 219 11.33 -28.00 -25.75
C GLU A 219 10.31 -27.47 -24.77
N GLN A 220 10.43 -27.89 -23.51
CA GLN A 220 9.53 -27.38 -22.48
C GLN A 220 9.72 -25.86 -22.28
N VAL A 221 10.96 -25.40 -22.20
CA VAL A 221 11.16 -23.96 -22.00
C VAL A 221 10.80 -23.18 -23.29
N LEU A 222 11.00 -23.79 -24.46
CA LEU A 222 10.59 -23.15 -25.72
C LEU A 222 9.08 -22.87 -25.72
N LYS A 223 8.31 -23.75 -25.09
CA LYS A 223 6.86 -23.53 -24.95
C LYS A 223 6.51 -22.30 -24.10
N PHE A 224 7.29 -22.03 -23.07
CA PHE A 224 7.08 -20.87 -22.25
C PHE A 224 7.21 -19.58 -23.13
N ARG A 225 8.15 -19.63 -24.07
CA ARG A 225 8.48 -18.49 -24.90
C ARG A 225 7.43 -18.21 -25.96
N LYS A 226 6.44 -19.09 -26.12
CA LYS A 226 5.33 -18.84 -27.04
C LYS A 226 4.21 -18.02 -26.42
N LEU A 227 4.23 -17.83 -25.11
CA LEU A 227 3.25 -16.97 -24.46
C LEU A 227 3.44 -15.53 -24.92
N ASN A 228 2.42 -14.71 -24.66
CA ASN A 228 2.40 -13.30 -25.01
C ASN A 228 2.27 -12.41 -23.78
N PHE A 229 3.04 -11.32 -23.71
CA PHE A 229 2.82 -10.28 -22.69
C PHE A 229 1.50 -9.53 -22.97
N ASN A 230 1.21 -9.36 -24.25
CA ASN A 230 0.06 -8.56 -24.67
C ASN A 230 -1.27 -9.29 -24.54
N GLY A 231 -2.33 -8.49 -24.53
CA GLY A 231 -3.68 -8.97 -24.64
C GLY A 231 -4.09 -9.37 -26.02
N GLU A 232 -5.24 -10.05 -26.08
CA GLU A 232 -5.82 -10.46 -27.34
C GLU A 232 -6.14 -9.21 -28.15
N GLY A 233 -5.81 -9.29 -29.43
CA GLY A 233 -6.02 -8.19 -30.36
C GLY A 233 -4.93 -7.13 -30.39
N GLU A 234 -3.97 -7.17 -29.48
CA GLU A 234 -2.89 -6.20 -29.41
C GLU A 234 -1.70 -6.76 -30.21
N PRO A 235 -0.71 -5.89 -30.55
CA PRO A 235 0.47 -6.39 -31.25
C PRO A 235 1.21 -7.46 -30.39
N GLU A 236 1.67 -8.53 -31.06
CA GLU A 236 2.39 -9.60 -30.40
C GLU A 236 3.66 -9.11 -29.75
N GLU A 237 3.82 -9.40 -28.47
CA GLU A 237 5.03 -9.17 -27.73
C GLU A 237 5.28 -10.48 -26.99
N LEU A 238 6.25 -11.25 -27.49
CA LEU A 238 6.49 -12.58 -26.88
C LEU A 238 6.95 -12.44 -25.43
N MET A 239 6.42 -13.31 -24.59
CA MET A 239 6.70 -13.32 -23.17
C MET A 239 8.02 -14.05 -22.98
N VAL A 240 9.10 -13.28 -23.02
CA VAL A 240 10.45 -13.76 -22.83
C VAL A 240 11.25 -12.72 -22.06
N ASP A 241 12.29 -13.17 -21.37
CA ASP A 241 13.14 -12.26 -20.57
C ASP A 241 12.38 -11.45 -19.58
N ASN A 242 11.48 -12.17 -18.88
CA ASN A 242 10.68 -11.57 -17.81
C ASN A 242 11.33 -11.72 -16.44
N TRP A 243 12.63 -11.41 -16.38
CA TRP A 243 13.44 -11.50 -15.19
C TRP A 243 14.03 -10.17 -14.85
N ARG A 244 14.07 -9.87 -13.56
CA ARG A 244 14.82 -8.72 -13.05
C ARG A 244 16.25 -9.14 -12.80
N PRO A 245 17.23 -8.29 -13.21
CA PRO A 245 18.62 -8.67 -12.88
C PRO A 245 18.98 -8.50 -11.38
N ALA A 246 20.11 -9.08 -11.02
CA ALA A 246 20.60 -9.01 -9.66
C ALA A 246 20.71 -7.58 -9.15
N GLN A 247 20.29 -7.35 -7.94
CA GLN A 247 20.32 -6.07 -7.27
C GLN A 247 21.37 -6.07 -6.19
N PRO A 248 21.78 -4.87 -5.74
CA PRO A 248 22.85 -4.81 -4.74
C PRO A 248 22.51 -5.48 -3.42
N LEU A 249 23.43 -6.30 -2.92
CA LEU A 249 23.22 -7.00 -1.68
C LEU A 249 23.22 -6.05 -0.49
N LYS A 250 23.97 -4.93 -0.58
CA LYS A 250 24.07 -4.00 0.51
C LYS A 250 24.57 -4.74 1.74
N ASN A 251 24.06 -4.51 2.93
CA ASN A 251 24.76 -5.15 4.10
C ASN A 251 24.18 -6.51 4.48
N ARG A 252 23.42 -7.10 3.58
CA ARG A 252 22.70 -8.33 3.89
C ARG A 252 23.61 -9.54 3.87
N GLN A 253 23.24 -10.52 4.71
CA GLN A 253 23.92 -11.81 4.79
C GLN A 253 23.06 -12.86 4.11
N ILE A 254 23.69 -13.59 3.19
CA ILE A 254 23.12 -14.77 2.61
C ILE A 254 23.70 -15.96 3.40
N LYS A 255 22.80 -16.75 3.99
CA LYS A 255 23.15 -17.89 4.80
C LYS A 255 22.87 -19.17 4.03
N ALA A 256 23.79 -20.12 4.11
CA ALA A 256 23.64 -21.44 3.49
C ALA A 256 23.25 -22.45 4.56
N SER A 257 22.34 -23.35 4.19
CA SER A 257 21.92 -24.43 5.06
C SER A 257 22.84 -25.64 5.01
N PHE A 258 23.88 -25.58 4.20
CA PHE A 258 24.71 -26.72 3.85
C PHE A 258 26.17 -26.30 3.80
N LYS A 259 27.06 -27.28 3.97
CA LYS A 259 28.50 -27.07 3.89
C LYS A 259 29.01 -27.30 2.48
N SER B 1 -16.53 -8.54 1.84
CA SER B 1 -16.10 -7.20 1.41
C SER B 1 -15.65 -6.38 2.62
N HIS B 2 -14.65 -5.55 2.39
CA HIS B 2 -14.03 -4.75 3.47
C HIS B 2 -14.83 -3.46 3.63
N HIS B 3 -15.18 -3.14 4.88
CA HIS B 3 -15.89 -1.90 5.21
C HIS B 3 -15.39 -1.38 6.53
N TRP B 4 -15.55 -0.08 6.76
CA TRP B 4 -15.24 0.50 8.06
C TRP B 4 -16.15 1.71 8.24
N GLY B 5 -16.34 2.10 9.49
CA GLY B 5 -17.14 3.29 9.77
C GLY B 5 -16.93 3.78 11.18
N TYR B 6 -17.98 4.37 11.72
CA TYR B 6 -17.98 4.92 13.07
C TYR B 6 -19.06 4.29 13.97
N GLY B 7 -19.61 3.17 13.51
CA GLY B 7 -20.64 2.45 14.23
C GLY B 7 -20.08 1.52 15.30
N LYS B 8 -20.97 0.75 15.92
CA LYS B 8 -20.62 -0.17 17.03
C LYS B 8 -19.65 -1.29 16.59
N HIS B 9 -19.91 -1.85 15.41
CA HIS B 9 -19.24 -3.06 14.95
C HIS B 9 -18.06 -2.79 14.05
N ASN B 10 -18.09 -1.62 13.37
CA ASN B 10 -17.11 -1.26 12.35
C ASN B 10 -16.28 -0.01 12.67
N GLY B 11 -16.43 0.50 13.90
CA GLY B 11 -15.85 1.77 14.32
C GLY B 11 -14.42 1.68 14.82
N PRO B 12 -13.88 2.81 15.32
CA PRO B 12 -12.46 2.91 15.66
C PRO B 12 -11.84 1.81 16.51
N GLU B 13 -12.60 1.26 17.47
CA GLU B 13 -12.11 0.18 18.30
C GLU B 13 -11.84 -1.12 17.53
N HIS B 14 -12.43 -1.25 16.34
CA HIS B 14 -12.31 -2.46 15.51
C HIS B 14 -11.43 -2.31 14.27
N TRP B 15 -10.98 -1.08 14.02
CA TRP B 15 -10.20 -0.81 12.78
C TRP B 15 -8.91 -1.63 12.72
N HIS B 16 -8.36 -1.98 13.89
CA HIS B 16 -7.14 -2.75 13.95
C HIS B 16 -7.22 -4.15 13.30
N LYS B 17 -8.43 -4.69 13.17
CA LYS B 17 -8.58 -6.03 12.58
CA LYS B 17 -8.57 -6.03 12.58
C LYS B 17 -8.10 -6.04 11.13
N ASP B 18 -8.59 -5.10 10.33
CA ASP B 18 -8.21 -4.99 8.93
C ASP B 18 -6.96 -4.12 8.74
N PHE B 19 -6.68 -3.22 9.72
CA PHE B 19 -5.62 -2.24 9.63
C PHE B 19 -4.76 -2.28 10.91
N PRO B 20 -3.88 -3.28 11.01
CA PRO B 20 -3.17 -3.45 12.29
C PRO B 20 -2.26 -2.29 12.70
N ILE B 21 -1.93 -1.40 11.78
CA ILE B 21 -1.21 -0.18 12.13
C ILE B 21 -2.02 0.71 13.10
N ALA B 22 -3.31 0.43 13.25
CA ALA B 22 -4.12 1.16 14.21
C ALA B 22 -3.53 1.16 15.62
N LYS B 23 -2.75 0.13 15.94
CA LYS B 23 -2.03 0.03 17.22
C LYS B 23 -0.57 0.44 17.14
N GLY B 24 -0.22 1.19 16.11
CA GLY B 24 1.14 1.63 15.85
C GLY B 24 1.69 2.70 16.77
N GLU B 25 2.91 3.12 16.46
CA GLU B 25 3.66 4.01 17.32
C GLU B 25 3.43 5.49 17.03
N ARG B 26 2.77 5.80 15.92
CA ARG B 26 2.59 7.20 15.49
C ARG B 26 1.16 7.46 15.01
N GLN B 27 0.19 7.03 15.81
CA GLN B 27 -1.23 7.16 15.43
C GLN B 27 -1.82 8.51 15.84
N SER B 28 -2.78 9.00 15.05
CA SER B 28 -3.48 10.28 15.31
C SER B 28 -4.98 10.02 15.37
N PRO B 29 -5.74 10.91 16.03
CA PRO B 29 -5.26 12.13 16.68
C PRO B 29 -4.71 11.82 18.08
N VAL B 30 -4.30 12.88 18.77
CA VAL B 30 -3.81 12.82 20.15
C VAL B 30 -4.41 13.97 20.94
N ASP B 31 -4.38 13.84 22.25
CA ASP B 31 -4.64 14.93 23.16
C ASP B 31 -3.38 15.77 23.26
N ILE B 32 -3.55 17.09 23.23
CA ILE B 32 -2.45 18.05 23.33
C ILE B 32 -2.50 18.59 24.75
N ASP B 33 -1.56 18.14 25.57
CA ASP B 33 -1.43 18.58 26.95
C ASP B 33 -0.55 19.80 26.93
N THR B 34 -1.13 20.96 27.22
CA THR B 34 -0.39 22.22 27.10
C THR B 34 0.71 22.38 28.17
N HIS B 35 0.64 21.58 29.25
CA HIS B 35 1.71 21.58 30.24
C HIS B 35 2.95 20.82 29.77
N THR B 36 2.80 19.89 28.83
CA THR B 36 3.94 19.11 28.34
C THR B 36 4.32 19.36 26.88
N ALA B 37 3.45 20.04 26.12
CA ALA B 37 3.73 20.36 24.73
C ALA B 37 4.48 21.68 24.72
N LYS B 38 5.81 21.57 24.73
CA LYS B 38 6.67 22.71 25.03
C LYS B 38 6.98 23.59 23.82
N TYR B 39 7.09 24.88 24.09
CA TYR B 39 7.55 25.84 23.11
C TYR B 39 8.91 25.44 22.55
N ASP B 40 9.02 25.45 21.22
CA ASP B 40 10.27 25.14 20.54
C ASP B 40 10.68 26.38 19.74
N PRO B 41 11.68 27.13 20.24
CA PRO B 41 12.08 28.36 19.54
C PRO B 41 12.64 28.16 18.13
N SER B 42 13.06 26.95 17.79
CA SER B 42 13.57 26.66 16.44
C SER B 42 12.47 26.48 15.38
N LEU B 43 11.21 26.33 15.80
CA LEU B 43 10.09 26.24 14.87
C LEU B 43 9.83 27.55 14.14
N LYS B 44 9.78 27.49 12.81
CA LYS B 44 9.51 28.66 12.00
C LYS B 44 8.02 28.96 11.88
N PRO B 45 7.69 30.20 11.47
CA PRO B 45 6.29 30.48 11.18
C PRO B 45 5.84 29.68 9.97
N LEU B 46 4.57 29.32 10.03
CA LEU B 46 3.94 28.62 8.96
C LEU B 46 3.69 29.64 7.83
N SER B 47 3.96 29.23 6.59
CA SER B 47 3.61 29.97 5.41
C SER B 47 2.49 29.28 4.65
N VAL B 48 1.31 29.89 4.67
CA VAL B 48 0.12 29.41 3.98
C VAL B 48 -0.03 30.28 2.73
N SER B 49 0.00 29.64 1.56
CA SER B 49 -0.07 30.38 0.28
C SER B 49 -1.27 29.79 -0.45
N TYR B 50 -2.43 30.36 -0.17
CA TYR B 50 -3.70 29.92 -0.78
C TYR B 50 -4.37 30.93 -1.74
N ASP B 51 -3.62 31.99 -2.09
CA ASP B 51 -4.20 33.06 -2.88
C ASP B 51 -4.63 32.62 -4.28
N GLN B 52 -4.03 31.55 -4.82
CA GLN B 52 -4.36 31.03 -6.15
C GLN B 52 -5.06 29.67 -6.12
N ALA B 53 -5.60 29.30 -4.97
CA ALA B 53 -6.27 28.00 -4.85
C ALA B 53 -7.42 27.85 -5.85
N THR B 54 -7.54 26.64 -6.41
CA THR B 54 -8.57 26.32 -7.37
C THR B 54 -9.35 25.09 -6.94
N SER B 55 -10.53 25.35 -6.36
CA SER B 55 -11.40 24.24 -5.94
C SER B 55 -12.09 23.68 -7.19
N LEU B 56 -12.42 22.40 -7.10
CA LEU B 56 -13.04 21.68 -8.24
C LEU B 56 -14.43 21.14 -7.96
N ARG B 57 -14.55 20.36 -6.89
CA ARG B 57 -15.76 19.59 -6.62
C ARG B 57 -15.87 19.31 -5.15
N ILE B 58 -17.08 18.97 -4.76
CA ILE B 58 -17.34 18.57 -3.38
C ILE B 58 -18.04 17.21 -3.48
N LEU B 59 -17.65 16.30 -2.58
N LEU B 59 -17.64 16.30 -2.60
CA LEU B 59 -18.09 14.88 -2.66
CA LEU B 59 -18.28 14.98 -2.64
C LEU B 59 -18.39 14.32 -1.29
C LEU B 59 -18.44 14.37 -1.29
N ASN B 60 -19.48 13.56 -1.20
CA ASN B 60 -19.79 12.78 0.01
C ASN B 60 -19.20 11.39 -0.25
N ASN B 61 -18.19 11.02 0.52
CA ASN B 61 -17.51 9.72 0.33
C ASN B 61 -18.01 8.63 1.28
N GLY B 62 -19.07 8.93 2.04
CA GLY B 62 -19.63 7.97 2.97
C GLY B 62 -19.00 8.02 4.34
N HIS B 63 -17.94 8.84 4.52
CA HIS B 63 -17.28 8.99 5.80
C HIS B 63 -17.26 10.46 6.24
N ALA B 64 -17.08 11.35 5.25
CA ALA B 64 -17.13 12.82 5.44
C ALA B 64 -17.48 13.40 4.08
N PHE B 65 -17.30 14.72 3.93
CA PHE B 65 -17.35 15.32 2.58
C PHE B 65 -16.02 16.05 2.28
N ASN B 66 -15.53 15.83 1.06
CA ASN B 66 -14.27 16.49 0.66
C ASN B 66 -14.52 17.56 -0.38
N VAL B 67 -13.86 18.69 -0.13
CA VAL B 67 -13.71 19.70 -1.20
C VAL B 67 -12.32 19.48 -1.81
N GLU B 68 -12.34 19.13 -3.09
CA GLU B 68 -11.13 18.76 -3.82
C GLU B 68 -10.60 19.94 -4.62
N PHE B 69 -9.26 20.04 -4.67
CA PHE B 69 -8.54 21.12 -5.34
C PHE B 69 -7.67 20.58 -6.46
N ASP B 70 -7.40 21.45 -7.42
CA ASP B 70 -6.42 21.16 -8.45
C ASP B 70 -5.03 21.23 -7.83
N ASP B 71 -4.36 20.10 -7.76
CA ASP B 71 -3.02 20.00 -7.18
C ASP B 71 -1.95 19.65 -8.21
N SER B 72 -2.20 20.07 -9.45
CA SER B 72 -1.24 19.86 -10.55
C SER B 72 -0.10 20.89 -10.55
N GLN B 73 -0.27 22.01 -9.83
CA GLN B 73 0.76 23.06 -9.71
C GLN B 73 0.80 23.55 -8.29
N ASP B 74 1.80 24.35 -7.94
CA ASP B 74 1.84 25.00 -6.61
C ASP B 74 0.83 26.19 -6.39
N LYS B 75 -0.47 25.96 -6.66
CA LYS B 75 -1.53 26.98 -6.54
CA LYS B 75 -1.53 26.98 -6.55
C LYS B 75 -1.95 27.26 -5.10
N ALA B 76 -1.89 26.23 -4.27
CA ALA B 76 -2.26 26.35 -2.90
C ALA B 76 -1.31 25.45 -2.15
N VAL B 77 -0.38 26.04 -1.41
CA VAL B 77 0.65 25.32 -0.75
C VAL B 77 0.89 25.75 0.68
N LEU B 78 1.42 24.79 1.42
CA LEU B 78 1.89 24.99 2.74
C LEU B 78 3.41 24.83 2.73
N LYS B 79 4.12 25.80 3.31
CA LYS B 79 5.57 25.74 3.49
C LYS B 79 5.92 26.25 4.89
N GLY B 80 7.18 26.13 5.25
CA GLY B 80 7.66 26.65 6.51
C GLY B 80 7.20 25.81 7.68
N GLY B 81 7.12 26.46 8.84
CA GLY B 81 6.80 25.74 10.07
C GLY B 81 7.77 24.59 10.26
N PRO B 82 7.23 23.37 10.51
CA PRO B 82 8.09 22.20 10.64
C PRO B 82 8.45 21.51 9.31
N LEU B 83 8.02 22.06 8.20
CA LEU B 83 8.14 21.41 6.91
C LEU B 83 9.41 21.83 6.13
N ASP B 84 9.98 20.87 5.42
CA ASP B 84 10.95 21.14 4.34
C ASP B 84 10.22 21.07 3.01
N GLY B 85 10.50 22.01 2.12
CA GLY B 85 9.96 21.91 0.76
C GLY B 85 8.54 22.42 0.65
N THR B 86 7.74 21.78 -0.20
CA THR B 86 6.46 22.35 -0.61
C THR B 86 5.42 21.31 -0.53
N TYR B 87 4.30 21.64 0.12
CA TYR B 87 3.20 20.68 0.27
C TYR B 87 1.95 21.26 -0.39
N ARG B 88 1.41 20.57 -1.39
CA ARG B 88 0.26 21.07 -2.17
C ARG B 88 -1.06 20.64 -1.55
N LEU B 89 -2.00 21.56 -1.43
CA LEU B 89 -3.36 21.26 -0.99
C LEU B 89 -4.07 20.39 -2.01
N ILE B 90 -4.58 19.25 -1.53
CA ILE B 90 -5.35 18.37 -2.39
C ILE B 90 -6.84 18.37 -2.05
N GLN B 91 -7.16 18.50 -0.76
CA GLN B 91 -8.59 18.48 -0.36
C GLN B 91 -8.70 18.98 1.06
N PHE B 92 -9.91 19.41 1.44
CA PHE B 92 -10.19 19.56 2.89
C PHE B 92 -11.51 18.84 3.17
N HIS B 93 -11.64 18.56 4.47
CA HIS B 93 -12.88 17.92 4.98
C HIS B 93 -12.94 18.26 6.45
N PHE B 94 -14.03 17.80 7.08
CA PHE B 94 -14.27 18.03 8.49
C PHE B 94 -14.63 16.70 9.20
N HIS B 95 -14.44 16.75 10.50
CA HIS B 95 -15.03 15.73 11.41
C HIS B 95 -15.87 16.54 12.37
N TRP B 96 -17.02 15.96 12.77
CA TRP B 96 -17.95 16.66 13.63
C TRP B 96 -18.81 15.72 14.50
N GLY B 97 -19.50 16.33 15.44
CA GLY B 97 -20.27 15.54 16.43
C GLY B 97 -21.75 15.53 16.17
N SER B 98 -22.43 14.73 17.01
CA SER B 98 -23.87 14.75 17.06
C SER B 98 -24.41 15.86 17.97
N LEU B 99 -23.54 16.45 18.79
CA LEU B 99 -23.86 17.49 19.73
C LEU B 99 -22.76 18.50 19.67
N ASP B 100 -23.03 19.77 20.03
CA ASP B 100 -22.05 20.84 19.99
C ASP B 100 -20.81 20.57 20.87
N GLY B 101 -20.98 19.77 21.93
CA GLY B 101 -19.90 19.48 22.86
C GLY B 101 -18.84 18.47 22.44
N GLN B 102 -18.95 17.92 21.22
CA GLN B 102 -17.97 16.93 20.72
C GLN B 102 -17.91 17.00 19.22
N GLY B 103 -16.87 16.40 18.65
CA GLY B 103 -16.70 16.36 17.20
C GLY B 103 -15.27 16.45 16.73
N SER B 104 -14.41 17.13 17.50
CA SER B 104 -13.02 17.24 17.11
C SER B 104 -12.30 15.90 17.36
N GLU B 105 -11.23 15.70 16.60
CA GLU B 105 -10.37 14.54 16.73
C GLU B 105 -9.24 14.84 17.73
N HIS B 106 -8.46 15.85 17.43
CA HIS B 106 -7.53 16.39 18.45
C HIS B 106 -8.32 17.04 19.59
N THR B 107 -7.75 16.99 20.78
CA THR B 107 -8.29 17.64 21.95
C THR B 107 -7.16 18.45 22.57
N VAL B 108 -7.52 19.47 23.35
CA VAL B 108 -6.54 20.36 23.99
C VAL B 108 -6.85 20.32 25.48
N ASP B 109 -5.96 19.75 26.28
CA ASP B 109 -6.20 19.50 27.70
C ASP B 109 -7.54 18.79 27.89
N LYS B 110 -7.78 17.81 27.02
CA LYS B 110 -9.01 16.99 26.99
C LYS B 110 -10.28 17.69 26.47
N LYS B 111 -10.20 18.99 26.16
CA LYS B 111 -11.34 19.72 25.64
C LYS B 111 -11.60 19.29 24.20
N LYS B 112 -12.87 19.01 23.92
CA LYS B 112 -13.34 18.70 22.57
C LYS B 112 -14.07 19.90 22.01
N TYR B 113 -13.85 20.12 20.72
CA TYR B 113 -14.55 21.17 19.97
C TYR B 113 -15.70 20.55 19.16
N ALA B 114 -16.57 21.40 18.62
CA ALA B 114 -17.70 20.94 17.85
C ALA B 114 -17.34 20.24 16.53
N ALA B 115 -16.21 20.62 15.95
CA ALA B 115 -15.75 20.00 14.73
C ALA B 115 -14.25 20.32 14.55
N GLU B 116 -13.67 19.66 13.55
CA GLU B 116 -12.27 19.95 13.21
C GLU B 116 -12.18 19.85 11.71
N LEU B 117 -11.49 20.89 11.17
CA LEU B 117 -11.20 21.03 9.75
C LEU B 117 -9.82 20.48 9.48
N HIS B 118 -9.69 19.64 8.44
CA HIS B 118 -8.43 19.09 8.00
C HIS B 118 -8.18 19.51 6.56
N LEU B 119 -7.10 20.33 6.41
CA LEU B 119 -6.59 20.71 5.10
C LEU B 119 -5.42 19.82 4.79
N VAL B 120 -5.57 19.01 3.74
CA VAL B 120 -4.66 17.91 3.48
C VAL B 120 -3.71 18.27 2.35
N HIS B 121 -2.41 18.14 2.60
CA HIS B 121 -1.38 18.54 1.63
C HIS B 121 -0.38 17.42 1.46
N TRP B 122 0.21 17.33 0.26
CA TRP B 122 1.20 16.28 0.03
C TRP B 122 2.52 16.89 -0.47
N ASN B 123 3.61 16.23 -0.14
CA ASN B 123 4.96 16.70 -0.42
C ASN B 123 5.28 16.50 -1.89
N THR B 124 5.56 17.61 -2.59
CA THR B 124 5.78 17.55 -4.05
C THR B 124 6.97 16.71 -4.48
N LYS B 125 7.89 16.47 -3.53
CA LYS B 125 9.08 15.61 -3.70
C LYS B 125 8.70 14.24 -4.27
N TYR B 126 7.46 13.81 -3.96
CA TYR B 126 7.03 12.43 -4.24
C TYR B 126 6.15 12.32 -5.50
N GLY B 127 5.97 13.42 -6.24
CA GLY B 127 5.32 13.32 -7.56
C GLY B 127 3.80 13.33 -7.60
N ASP B 128 3.20 12.50 -6.76
CA ASP B 128 1.76 12.54 -6.56
C ASP B 128 1.37 12.07 -5.16
N PHE B 129 0.11 12.32 -4.81
CA PHE B 129 -0.42 11.93 -3.52
C PHE B 129 -0.22 10.44 -3.23
N GLY B 130 -0.47 9.59 -4.22
CA GLY B 130 -0.38 8.16 -4.01
C GLY B 130 0.99 7.66 -3.60
N LYS B 131 2.04 8.28 -4.10
CA LYS B 131 3.41 8.00 -3.63
C LYS B 131 3.70 8.69 -2.32
N ALA B 132 3.21 9.91 -2.14
CA ALA B 132 3.47 10.66 -0.90
C ALA B 132 2.97 9.92 0.35
N VAL B 133 1.79 9.31 0.27
CA VAL B 133 1.21 8.61 1.41
C VAL B 133 2.02 7.41 1.89
N GLN B 134 2.97 6.96 1.08
CA GLN B 134 3.85 5.87 1.41
C GLN B 134 5.13 6.29 2.14
N GLN B 135 5.28 7.59 2.42
CA GLN B 135 6.52 8.18 2.98
C GLN B 135 6.25 8.84 4.32
N PRO B 136 7.22 8.78 5.27
CA PRO B 136 6.92 9.36 6.60
C PRO B 136 6.71 10.87 6.55
N ASP B 137 7.39 11.54 5.61
CA ASP B 137 7.24 12.98 5.40
C ASP B 137 6.33 13.30 4.20
N GLY B 138 5.38 12.42 3.89
CA GLY B 138 4.60 12.55 2.71
C GLY B 138 3.49 13.58 2.75
N LEU B 139 2.82 13.70 3.88
CA LEU B 139 1.65 14.59 4.01
C LEU B 139 1.85 15.59 5.13
N ALA B 140 1.19 16.72 4.97
CA ALA B 140 1.04 17.70 6.04
C ALA B 140 -0.44 17.99 6.13
N VAL B 141 -1.02 17.77 7.30
CA VAL B 141 -2.42 18.10 7.55
C VAL B 141 -2.48 19.27 8.53
N LEU B 142 -3.11 20.35 8.06
CA LEU B 142 -3.38 21.51 8.88
C LEU B 142 -4.75 21.28 9.51
N GLY B 143 -4.76 21.21 10.83
CA GLY B 143 -5.96 20.98 11.58
C GLY B 143 -6.41 22.23 12.32
N ILE B 144 -7.70 22.56 12.18
CA ILE B 144 -8.26 23.80 12.69
C ILE B 144 -9.54 23.43 13.45
N PHE B 145 -9.58 23.80 14.72
CA PHE B 145 -10.78 23.57 15.51
C PHE B 145 -11.92 24.51 15.15
N LEU B 146 -13.15 23.99 15.24
CA LEU B 146 -14.38 24.79 15.04
C LEU B 146 -15.10 24.85 16.39
N LYS B 147 -15.29 26.07 16.90
CA LYS B 147 -15.93 26.33 18.19
C LYS B 147 -17.29 26.91 17.85
N VAL B 148 -18.36 26.47 18.48
CA VAL B 148 -19.69 27.02 18.18
CA VAL B 148 -19.69 27.02 18.18
C VAL B 148 -19.76 28.46 18.72
N GLY B 149 -20.24 29.37 17.89
CA GLY B 149 -20.26 30.79 18.20
C GLY B 149 -20.90 31.56 17.07
N SER B 150 -20.28 32.66 16.69
CA SER B 150 -20.75 33.42 15.53
C SER B 150 -20.63 32.59 14.23
N ALA B 151 -21.52 32.88 13.28
CA ALA B 151 -21.42 32.29 11.97
C ALA B 151 -20.08 32.67 11.30
N LYS B 152 -19.52 31.70 10.57
CA LYS B 152 -18.30 31.88 9.80
C LYS B 152 -18.69 32.18 8.36
N PRO B 153 -18.51 33.44 7.91
CA PRO B 153 -18.96 33.75 6.54
C PRO B 153 -18.35 32.85 5.48
N GLY B 154 -17.06 32.57 5.65
CA GLY B 154 -16.29 31.80 4.71
C GLY B 154 -16.67 30.34 4.63
N LEU B 155 -17.46 29.84 5.59
CA LEU B 155 -18.01 28.49 5.52
C LEU B 155 -19.33 28.40 4.76
N GLN B 156 -20.01 29.54 4.58
CA GLN B 156 -21.41 29.47 4.13
C GLN B 156 -21.56 28.85 2.73
N LYS B 157 -20.60 29.09 1.83
CA LYS B 157 -20.62 28.47 0.49
C LYS B 157 -20.65 26.92 0.59
N VAL B 158 -19.95 26.37 1.57
CA VAL B 158 -19.94 24.91 1.80
C VAL B 158 -21.30 24.48 2.30
N VAL B 159 -21.77 25.13 3.37
CA VAL B 159 -23.05 24.76 3.98
C VAL B 159 -24.18 24.79 2.93
N ASP B 160 -24.15 25.77 2.04
CA ASP B 160 -25.22 25.96 1.06
C ASP B 160 -25.31 24.90 -0.04
N VAL B 161 -24.28 24.07 -0.20
CA VAL B 161 -24.25 23.01 -1.22
CA VAL B 161 -24.32 23.01 -1.22
C VAL B 161 -24.50 21.61 -0.62
N LEU B 162 -24.51 21.50 0.72
CA LEU B 162 -24.60 20.19 1.34
C LEU B 162 -25.88 19.45 1.03
N ASP B 163 -26.98 20.18 0.78
CA ASP B 163 -28.23 19.50 0.42
CA ASP B 163 -28.26 19.62 0.34
C ASP B 163 -28.15 18.76 -0.90
N SER B 164 -27.18 19.11 -1.74
CA SER B 164 -26.97 18.46 -3.04
C SER B 164 -26.09 17.20 -2.99
N ILE B 165 -25.48 16.94 -1.84
CA ILE B 165 -24.60 15.78 -1.70
C ILE B 165 -24.94 14.97 -0.43
N LYS B 166 -26.26 14.77 -0.22
CA LYS B 166 -26.69 14.22 1.05
C LYS B 166 -26.18 12.79 1.31
N THR B 167 -26.11 11.99 0.26
CA THR B 167 -25.78 10.59 0.39
C THR B 167 -24.49 10.17 -0.25
N LYS B 168 -23.94 9.05 0.19
CA LYS B 168 -22.65 8.53 -0.26
C LYS B 168 -22.59 8.40 -1.74
N GLY B 169 -21.50 8.93 -2.29
CA GLY B 169 -21.25 8.90 -3.71
C GLY B 169 -21.71 10.11 -4.49
N LYS B 170 -22.52 10.97 -3.87
CA LYS B 170 -22.96 12.18 -4.53
C LYS B 170 -21.84 13.22 -4.55
N SER B 171 -21.76 13.96 -5.65
CA SER B 171 -20.81 15.06 -5.79
C SER B 171 -21.45 16.20 -6.55
N ALA B 172 -20.80 17.34 -6.48
CA ALA B 172 -21.23 18.54 -7.18
C ALA B 172 -20.06 19.37 -7.58
N ASP B 173 -20.23 20.16 -8.65
CA ASP B 173 -19.24 21.14 -9.02
C ASP B 173 -19.10 22.12 -7.88
N PHE B 174 -17.88 22.55 -7.62
CA PHE B 174 -17.65 23.44 -6.48
C PHE B 174 -16.41 24.26 -6.74
N THR B 175 -16.62 25.33 -7.51
CA THR B 175 -15.54 26.20 -7.99
C THR B 175 -15.49 27.48 -7.19
N ASN B 176 -14.31 28.10 -7.26
N ASN B 176 -14.33 28.09 -7.29
CA ASN B 176 -14.00 29.40 -6.66
CA ASN B 176 -14.10 29.41 -6.75
C ASN B 176 -14.14 29.47 -5.15
C ASN B 176 -14.33 29.46 -5.22
N PHE B 177 -14.04 28.32 -4.49
CA PHE B 177 -14.03 28.39 -3.06
C PHE B 177 -12.70 28.87 -2.54
N ASP B 178 -12.74 29.82 -1.59
CA ASP B 178 -11.51 30.42 -1.04
C ASP B 178 -11.23 29.78 0.33
N PRO B 179 -10.22 28.91 0.40
CA PRO B 179 -9.90 28.30 1.69
C PRO B 179 -9.30 29.25 2.70
N ARG B 180 -8.82 30.42 2.26
CA ARG B 180 -8.37 31.43 3.23
C ARG B 180 -9.46 31.86 4.20
N GLY B 181 -10.72 31.76 3.73
CA GLY B 181 -11.85 32.11 4.57
C GLY B 181 -12.16 31.13 5.72
N LEU B 182 -11.40 30.03 5.80
CA LEU B 182 -11.54 29.07 6.90
C LEU B 182 -10.40 29.13 7.89
N LEU B 183 -9.50 30.11 7.74
CA LEU B 183 -8.37 30.23 8.63
C LEU B 183 -8.61 31.22 9.75
N PRO B 184 -8.06 30.95 10.95
CA PRO B 184 -8.08 31.95 12.00
C PRO B 184 -7.01 33.00 11.78
N GLU B 185 -7.05 34.08 12.55
CA GLU B 185 -6.09 35.17 12.38
C GLU B 185 -4.68 34.77 12.82
N SER B 186 -4.56 33.97 13.87
CA SER B 186 -3.25 33.51 14.33
C SER B 186 -2.93 32.16 13.74
N LEU B 187 -1.70 31.97 13.28
CA LEU B 187 -1.22 30.66 12.80
C LEU B 187 -0.31 29.98 13.82
N ASP B 188 -0.37 30.38 15.10
CA ASP B 188 0.33 29.65 16.15
C ASP B 188 -0.16 28.21 16.16
N TYR B 189 0.76 27.28 16.34
CA TYR B 189 0.44 25.88 16.15
C TYR B 189 1.20 24.95 17.07
N TRP B 190 0.67 23.75 17.17
CA TRP B 190 1.38 22.59 17.70
C TRP B 190 1.71 21.66 16.52
N THR B 191 2.80 20.90 16.64
CA THR B 191 3.14 19.94 15.61
C THR B 191 3.69 18.66 16.20
N TYR B 192 3.38 17.55 15.55
CA TYR B 192 3.88 16.22 15.94
C TYR B 192 3.78 15.30 14.72
N PRO B 193 4.54 14.20 14.73
CA PRO B 193 4.46 13.21 13.65
C PRO B 193 3.35 12.23 13.93
N GLY B 194 2.48 12.00 12.95
CA GLY B 194 1.38 11.11 13.14
C GLY B 194 0.89 10.41 11.90
N SER B 195 -0.43 10.21 11.86
CA SER B 195 -1.04 9.35 10.90
C SER B 195 -2.30 9.97 10.27
N LEU B 196 -2.78 9.31 9.22
CA LEU B 196 -4.16 9.47 8.81
C LEU B 196 -5.06 9.09 9.99
N THR B 197 -6.16 9.80 10.19
CA THR B 197 -7.10 9.44 11.28
C THR B 197 -8.21 8.53 10.81
N THR B 198 -8.18 8.08 9.58
CA THR B 198 -9.10 7.08 9.06
C THR B 198 -8.30 5.96 8.41
N PRO B 199 -8.89 4.77 8.32
CA PRO B 199 -8.24 3.73 7.56
C PRO B 199 -7.81 4.25 6.18
N PRO B 200 -6.61 3.92 5.73
CA PRO B 200 -5.70 2.90 6.25
C PRO B 200 -4.70 3.37 7.35
N LEU B 201 -4.90 4.57 7.94
CA LEU B 201 -4.19 4.95 9.17
C LEU B 201 -2.67 5.03 8.99
N LEU B 202 -2.25 5.35 7.76
CA LEU B 202 -0.84 5.36 7.43
C LEU B 202 -0.10 6.45 8.20
N GLU B 203 1.11 6.11 8.65
CA GLU B 203 1.95 7.02 9.46
C GLU B 203 2.83 7.87 8.57
N CYS B 204 2.17 8.80 7.88
CA CYS B 204 2.83 9.61 6.84
C CYS B 204 2.58 11.09 7.03
N VAL B 205 2.09 11.50 8.20
CA VAL B 205 1.58 12.88 8.36
C VAL B 205 2.40 13.71 9.35
N THR B 206 2.84 14.88 8.93
CA THR B 206 3.27 15.95 9.82
C THR B 206 1.98 16.71 10.17
N TRP B 207 1.52 16.59 11.42
CA TRP B 207 0.35 17.29 11.88
C TRP B 207 0.72 18.69 12.31
N ILE B 208 -0.09 19.65 11.89
CA ILE B 208 0.07 21.07 12.28
C ILE B 208 -1.33 21.47 12.76
N VAL B 209 -1.50 21.61 14.08
CA VAL B 209 -2.80 21.87 14.67
C VAL B 209 -2.77 23.32 15.20
N LEU B 210 -3.66 24.16 14.70
CA LEU B 210 -3.67 25.56 15.12
C LEU B 210 -4.26 25.75 16.50
N LYS B 211 -3.64 26.64 17.27
CA LYS B 211 -4.14 26.99 18.61
C LYS B 211 -5.51 27.66 18.57
N GLU B 212 -5.67 28.61 17.66
CA GLU B 212 -6.89 29.41 17.63
C GLU B 212 -7.98 28.71 16.83
N PRO B 213 -9.13 28.45 17.46
CA PRO B 213 -10.24 27.94 16.68
C PRO B 213 -10.83 29.00 15.75
N ILE B 214 -11.56 28.53 14.75
CA ILE B 214 -12.51 29.39 14.05
C ILE B 214 -13.88 29.18 14.66
N SER B 215 -14.74 30.20 14.58
N SER B 215 -14.73 30.17 14.47
CA SER B 215 -16.11 30.10 15.10
CA SER B 215 -16.09 30.06 14.88
C SER B 215 -17.04 29.70 14.00
C SER B 215 -16.89 29.28 13.84
N VAL B 216 -18.00 28.79 14.29
CA VAL B 216 -19.05 28.27 13.36
C VAL B 216 -20.34 28.52 14.07
N SER B 217 -21.41 28.81 13.35
CA SER B 217 -22.69 28.96 14.06
C SER B 217 -23.30 27.60 14.40
N SER B 218 -24.15 27.58 15.44
CA SER B 218 -24.86 26.34 15.77
C SER B 218 -25.63 25.82 14.53
N GLU B 219 -26.19 26.74 13.74
CA GLU B 219 -26.93 26.36 12.53
C GLU B 219 -26.07 25.80 11.42
N GLN B 220 -24.88 26.37 11.28
CA GLN B 220 -23.93 25.85 10.28
C GLN B 220 -23.52 24.38 10.57
N VAL B 221 -23.17 24.10 11.81
CA VAL B 221 -22.78 22.74 12.13
C VAL B 221 -23.98 21.80 12.12
N LEU B 222 -25.17 22.30 12.45
CA LEU B 222 -26.40 21.47 12.35
C LEU B 222 -26.61 21.00 10.91
N LYS B 223 -26.22 21.82 9.94
CA LYS B 223 -26.31 21.40 8.53
C LYS B 223 -25.39 20.22 8.18
N PHE B 224 -24.23 20.15 8.79
CA PHE B 224 -23.33 19.08 8.55
C PHE B 224 -24.03 17.72 9.01
N ARG B 225 -24.79 17.80 10.10
CA ARG B 225 -25.42 16.63 10.72
C ARG B 225 -26.57 16.14 9.90
N LYS B 226 -27.01 16.83 8.87
CA LYS B 226 -28.07 16.33 7.98
C LYS B 226 -27.56 15.43 6.88
N LEU B 227 -26.24 15.37 6.68
CA LEU B 227 -25.67 14.46 5.72
C LEU B 227 -25.90 13.00 6.14
N ASN B 228 -25.71 12.09 5.19
CA ASN B 228 -25.90 10.64 5.44
C ASN B 228 -24.60 9.90 5.16
N PHE B 229 -24.24 8.94 5.99
CA PHE B 229 -23.18 8.00 5.69
C PHE B 229 -23.57 7.07 4.52
N ASN B 230 -24.84 6.69 4.51
CA ASN B 230 -25.36 5.75 3.53
C ASN B 230 -25.60 6.29 2.15
N GLY B 231 -25.70 5.38 1.20
CA GLY B 231 -26.16 5.67 -0.15
C GLY B 231 -27.65 5.89 -0.29
N GLU B 232 -28.07 6.41 -1.42
CA GLU B 232 -29.45 6.69 -1.70
C GLU B 232 -30.18 5.32 -1.75
N GLY B 233 -31.32 5.30 -1.10
CA GLY B 233 -32.19 4.08 -1.05
C GLY B 233 -31.80 3.16 0.08
N GLU B 234 -30.74 3.35 0.80
CA GLU B 234 -30.32 2.57 1.93
C GLU B 234 -30.88 3.15 3.20
N PRO B 235 -30.85 2.38 4.33
CA PRO B 235 -31.33 2.92 5.59
C PRO B 235 -30.57 4.18 6.00
N GLU B 236 -31.29 5.18 6.51
CA GLU B 236 -30.64 6.44 6.93
C GLU B 236 -29.71 6.15 8.08
N GLU B 237 -28.46 6.65 7.93
CA GLU B 237 -27.51 6.66 9.01
C GLU B 237 -26.95 8.08 8.94
N LEU B 238 -27.35 8.92 9.87
CA LEU B 238 -26.88 10.33 9.82
C LEU B 238 -25.38 10.39 10.03
N MET B 239 -24.76 11.30 9.24
CA MET B 239 -23.34 11.48 9.27
C MET B 239 -23.03 12.40 10.43
N VAL B 240 -22.79 11.79 11.58
CA VAL B 240 -22.46 12.44 12.82
C VAL B 240 -21.45 11.60 13.56
N ASP B 241 -20.65 12.24 14.42
CA ASP B 241 -19.63 11.54 15.22
C ASP B 241 -18.68 10.74 14.38
N ASN B 242 -18.22 11.41 13.30
CA ASN B 242 -17.25 10.81 12.40
C ASN B 242 -15.82 11.18 12.79
N TRP B 243 -15.52 11.06 14.07
CA TRP B 243 -14.23 11.38 14.64
C TRP B 243 -13.63 10.19 15.31
N ARG B 244 -12.32 10.04 15.22
CA ARG B 244 -11.59 9.02 15.92
C ARG B 244 -11.12 9.63 17.23
N PRO B 245 -11.26 8.94 18.35
CA PRO B 245 -10.75 9.52 19.61
C PRO B 245 -9.23 9.58 19.72
N ALA B 246 -8.77 10.33 20.72
CA ALA B 246 -7.33 10.45 20.95
C ALA B 246 -6.67 9.10 21.16
N GLN B 247 -5.51 8.95 20.54
CA GLN B 247 -4.68 7.77 20.58
C GLN B 247 -3.46 8.02 21.44
N PRO B 248 -2.80 6.94 21.87
CA PRO B 248 -1.61 7.10 22.72
C PRO B 248 -0.47 7.84 22.07
N LEU B 249 0.11 8.80 22.80
CA LEU B 249 1.20 9.58 22.29
C LEU B 249 2.48 8.74 22.12
N LYS B 250 2.66 7.75 22.98
CA LYS B 250 3.83 6.89 22.97
C LYS B 250 5.09 7.74 23.09
N ASN B 251 6.13 7.56 22.28
CA ASN B 251 7.39 8.28 22.58
C ASN B 251 7.45 9.72 22.01
N ARG B 252 6.33 10.18 21.44
CA ARG B 252 6.37 11.38 20.63
C ARG B 252 6.37 12.65 21.46
N GLN B 253 6.96 13.67 20.87
CA GLN B 253 6.94 15.05 21.39
C GLN B 253 6.01 15.88 20.55
N ILE B 254 5.11 16.59 21.23
CA ILE B 254 4.34 17.67 20.62
C ILE B 254 5.06 19.00 20.91
N LYS B 255 5.41 19.73 19.84
CA LYS B 255 6.15 20.99 19.95
C LYS B 255 5.19 22.14 19.64
N ALA B 256 5.30 23.23 20.40
CA ALA B 256 4.51 24.44 20.19
C ALA B 256 5.34 25.50 19.55
N SER B 257 4.74 26.23 18.61
CA SER B 257 5.40 27.34 17.91
C SER B 257 5.36 28.64 18.71
N PHE B 258 4.72 28.63 19.88
CA PHE B 258 4.36 29.85 20.60
C PHE B 258 4.58 29.62 22.11
N LYS B 259 4.76 30.73 22.83
CA LYS B 259 4.94 30.69 24.28
C LYS B 259 3.60 30.79 25.01
OAA 4SO C 1 8.11 -14.37 -6.53
OAB 4SO C 1 1.85 -11.20 -5.38
CAC 4SO C 1 4.99 -10.43 -7.08
CAD 4SO C 1 6.19 -11.05 -7.20
CAE 4SO C 1 6.61 -12.18 -6.57
SAF 4SO C 1 8.22 -12.85 -6.81
NAG 4SO C 1 8.49 -12.57 -8.30
CAH 4SO C 1 2.68 -10.56 -6.10
CAI 4SO C 1 3.99 -11.12 -6.30
CAJ 4SO C 1 4.41 -12.31 -5.66
CAK 4SO C 1 5.65 -12.88 -5.77
OAL 4SO C 1 9.12 -12.04 -5.87
O A1IJ4 C 2 0.39 2.21 -5.53
C A1IJ4 C 2 -0.66 1.78 -6.02
C118 A1IJ4 C 2 0.48 -0.17 -7.08
C119 A1IJ4 C 2 0.64 -1.50 -6.43
C120 A1IJ4 C 2 -0.60 -2.33 -6.68
C121 A1IJ4 C 2 -0.27 -3.84 -6.63
C122 A1IJ4 C 2 0.46 -5.43 -5.02
C123 A1IJ4 C 2 0.84 -5.68 -3.71
N31 A1IJ4 C 2 -0.70 0.58 -6.66
O71 A1IJ4 C 2 0.09 -4.15 -5.31
C124 A1IJ4 C 2 0.55 -6.42 -6.02
C125 A1IJ4 C 2 1.18 -7.01 -3.37
C126 A1IJ4 C 2 1.26 -7.97 -4.35
C127 A1IJ4 C 2 0.89 -7.75 -5.66
C128 A1IJ4 C 2 0.96 -8.79 -6.61
N A1IJ4 C 2 2.29 -9.44 -6.70
C2 QUJ C 3 -2.16 3.52 -5.24
C3 QUJ C 3 -1.42 4.03 -4.15
C4 QUJ C 3 -1.90 5.08 -3.36
C5 QUJ C 3 -3.12 5.64 -3.65
C6 QUJ C 3 -3.91 5.15 -4.70
C8 QUJ C 3 -5.17 5.68 -5.01
C9 QUJ C 3 -5.91 5.13 -6.06
CA QUJ C 3 -5.39 4.10 -6.84
O QUJ C 3 -7.34 3.78 -8.06
C QUJ C 3 -6.13 3.52 -7.91
N11 QUJ C 3 -4.17 3.63 -6.52
C7 QUJ C 3 -3.43 4.10 -5.47
N QUJ C 3 -1.80 2.48 -6.06
OB QUJ C 3 -5.65 6.71 -4.27
CG QUJ C 3 -6.89 7.39 -4.48
CD QUJ C 3 -6.73 8.78 -3.87
CE2 QUJ C 3 -5.67 9.59 -4.65
CE1 QUJ C 3 -6.44 8.63 -2.38
O QUK C 4 -0.25 0.36 -10.53
C QUK C 4 -1.18 1.12 -10.26
C10 QUK C 4 -2.51 0.79 -10.65
N11 QUK C 4 -3.55 1.41 -10.05
C7 QUK C 4 -4.86 1.19 -10.39
CA QUK C 4 -5.86 1.89 -9.70
N QUK C 4 -5.43 2.69 -8.68
C9 QUK C 4 -2.80 -0.10 -11.71
C8 QUK C 4 -4.12 -0.34 -12.10
C6 QUK C 4 -5.17 0.30 -11.43
C5 QUK C 4 -6.52 0.12 -11.77
C4 QUK C 4 -7.52 0.78 -11.07
C3 QUK C 4 -7.20 1.66 -10.03
OB QUK C 4 -4.42 -1.23 -13.11
CG QUK C 4 -3.47 -2.08 -13.75
CD QUK C 4 -4.19 -3.13 -14.62
CE QUK C 4 -4.71 -2.47 -15.89
OB QVS C 5 1.75 7.09 -7.33
C8 QVS C 5 0.72 6.36 -7.81
C9 QVS C 5 -0.59 6.84 -7.85
CA QVS C 5 -1.62 6.04 -8.33
C QVS C 5 -2.96 6.53 -8.43
O QVS C 5 -3.33 7.55 -7.80
N11 QVS C 5 -1.37 4.77 -8.75
C7 QVS C 5 -0.11 4.24 -8.73
C6 QVS C 5 0.96 5.02 -8.25
C5 QVS C 5 2.25 4.46 -8.23
C4 QVS C 5 2.45 3.17 -8.70
C3 QVS C 5 1.38 2.42 -9.16
C2 QVS C 5 0.09 2.93 -9.21
N QVS C 5 -1.05 2.29 -9.64
O QVE C 6 -3.03 3.28 -13.13
C QVE C 6 -4.27 3.13 -13.29
CA QVE C 6 -5.18 3.91 -12.56
N11 QVE C 6 -4.74 4.62 -11.48
C7 QVE C 6 -5.57 5.42 -10.75
C2 QVE C 6 -5.06 6.11 -9.63
N QVE C 6 -3.72 5.91 -9.34
C9 QVE C 6 -6.53 3.99 -12.94
C8 QVE C 6 -7.41 4.82 -12.23
OB QVE C 6 -8.74 4.94 -12.62
CG QVE C 6 -9.29 4.23 -13.73
CD QVE C 6 -10.76 4.55 -13.90
OE2 QVE C 6 -11.32 5.39 -13.15
OE1 QVE C 6 -11.37 3.92 -14.81
C6 QVE C 6 -6.92 5.53 -11.13
C5 QVE C 6 -7.75 6.36 -10.39
C4 QVE C 6 -7.25 7.06 -9.29
C3 QVE C 6 -5.93 6.94 -8.91
OXT QVE C 6 -4.68 2.35 -14.18
OAA 4SO D 1 -6.92 14.32 7.53
OAB 4SO D 1 -6.60 10.46 1.59
CAC 4SO D 1 -7.55 10.01 5.12
CAD 4SO D 1 -7.51 10.73 6.33
CAE 4SO D 1 -7.04 12.03 6.36
SAF 4SO D 1 -7.03 12.86 7.86
NAG 4SO D 1 -8.35 12.56 8.54
CAH 4SO D 1 -7.08 9.89 2.61
CAI 4SO D 1 -7.08 10.59 3.91
CAJ 4SO D 1 -6.61 11.94 3.98
CAK 4SO D 1 -6.56 12.66 5.19
OAL 4SO D 1 -5.93 12.27 8.65
O A1IJ4 D 2 -5.15 -2.96 1.95
C A1IJ4 D 2 -5.85 -2.64 1.00
C118 A1IJ4 D 2 -7.01 -0.71 1.98
C119 A1IJ4 D 2 -6.62 0.69 1.77
C120 A1IJ4 D 2 -7.32 1.23 0.54
C121 A1IJ4 D 2 -7.35 2.76 0.66
C122 A1IJ4 D 2 -5.84 4.62 0.87
C123 A1IJ4 D 2 -4.52 5.07 0.90
N31 A1IJ4 D 2 -6.67 -1.57 0.84
O71 A1IJ4 D 2 -6.03 3.26 0.76
C124 A1IJ4 D 2 -6.90 5.57 0.99
C125 A1IJ4 D 2 -4.26 6.42 1.06
C126 A1IJ4 D 2 -5.29 7.34 1.16
C127 A1IJ4 D 2 -6.61 6.95 1.14
C128 A1IJ4 D 2 -7.69 7.89 1.26
N A1IJ4 D 2 -7.66 8.64 2.51
C2 QUJ D 3 -5.04 -4.71 -0.63
C3 QUJ D 3 -3.80 -4.94 -0.01
C4 QUJ D 3 -2.98 -5.95 -0.48
C5 QUJ D 3 -3.37 -6.73 -1.55
C6 QUJ D 3 -4.62 -6.48 -2.15
C8 QUJ D 3 -5.07 -7.22 -3.25
C9 QUJ D 3 -6.30 -6.90 -3.84
CA QUJ D 3 -7.11 -5.90 -3.34
O QUJ D 3 -8.69 -6.00 -5.01
C QUJ D 3 -8.35 -5.55 -3.91
N11 QUJ D 3 -6.63 -5.21 -2.29
C7 QUJ D 3 -5.44 -5.47 -1.71
N QUJ D 3 -5.90 -3.74 -0.27
OB QUJ D 3 -4.28 -8.20 -3.73
CG QUJ D 3 -4.75 -9.09 -4.75
CD QUJ D 3 -3.89 -10.31 -4.70
CE2 QUJ D 3 -4.23 -11.10 -3.41
CE1 QUJ D 3 -2.42 -9.90 -4.92
O QUK D 4 -10.40 -1.85 1.91
C QUK D 4 -10.20 -2.71 1.04
C10 QUK D 4 -10.86 -2.65 -0.21
N11 QUK D 4 -10.36 -3.34 -1.25
C7 QUK D 4 -10.92 -3.39 -2.49
CA QUK D 4 -10.30 -4.13 -3.51
N QUK D 4 -9.10 -4.71 -3.18
C9 QUK D 4 -12.06 -1.95 -0.38
C8 QUK D 4 -12.69 -1.96 -1.64
C6 QUK D 4 -12.12 -2.69 -2.72
C5 QUK D 4 -12.69 -2.75 -3.99
C4 QUK D 4 -12.09 -3.47 -5.01
C3 QUK D 4 -10.89 -4.15 -4.78
OB QUK D 4 -13.86 -1.25 -1.84
CG QUK D 4 -14.43 -0.27 -0.97
CD QUK D 4 -15.51 0.56 -1.68
CE QUK D 4 -16.71 -0.32 -2.02
OB QVS D 5 -5.96 -7.74 4.11
C8 QVS D 5 -6.72 -7.25 3.10
C9 QVS D 5 -6.90 -7.95 1.93
CA QVS D 5 -7.67 -7.41 0.90
C QVS D 5 -7.93 -8.11 -0.31
O QVS D 5 -7.25 -9.07 -0.63
N11 QVS D 5 -8.21 -6.16 1.07
C7 QVS D 5 -8.07 -5.44 2.20
C6 QVS D 5 -7.27 -5.95 3.25
C5 QVS D 5 -7.13 -5.22 4.43
C4 QVS D 5 -7.75 -3.99 4.55
C3 QVS D 5 -8.51 -3.46 3.50
C2 QVS D 5 -8.69 -4.16 2.31
N QVS D 5 -9.41 -3.79 1.20
O QVE D 6 -13.01 -5.41 0.04
C QVE D 6 -13.37 -5.47 -1.18
CA QVE D 6 -12.68 -6.29 -2.10
N11 QVE D 6 -11.49 -6.83 -1.78
C7 QVE D 6 -10.76 -7.64 -2.61
C2 QVE D 6 -9.51 -8.14 -2.21
N QVE D 6 -9.03 -7.71 -0.98
C9 QVE D 6 -13.26 -6.64 -3.34
C8 QVE D 6 -12.57 -7.48 -4.22
OB QVE D 6 -13.13 -7.79 -5.45
CG QVE D 6 -14.42 -8.37 -5.59
CD QVE D 6 -15.37 -7.29 -6.03
OE2 QVE D 6 -14.94 -6.49 -6.89
OE1 QVE D 6 -16.51 -7.25 -5.51
C6 QVE D 6 -11.32 -7.99 -3.85
C5 QVE D 6 -10.61 -8.84 -4.71
C4 QVE D 6 -9.40 -9.34 -4.31
C3 QVE D 6 -8.84 -9.00 -3.09
OXT QVE D 6 -14.45 -4.93 -1.51
C2 QUJ E 1 -5.91 -2.53 -4.05
C3 QUJ E 1 -4.84 -2.24 -3.16
C4 QUJ E 1 -3.64 -2.94 -3.29
C5 QUJ E 1 -3.48 -3.89 -4.28
C6 QUJ E 1 -4.49 -4.11 -5.20
C8 QUJ E 1 -4.31 -5.07 -6.19
C9 QUJ E 1 -5.32 -5.25 -7.07
CA QUJ E 1 -6.52 -4.58 -6.95
O QUJ E 1 -7.32 -5.89 -8.61
C QUJ E 1 -7.53 -4.93 -7.85
N11 QUJ E 1 -6.67 -3.66 -5.99
C7 QUJ E 1 -5.72 -3.43 -5.08
N QUJ E 1 -7.09 -1.91 -4.14
OB QUJ E 1 -3.09 -5.74 -6.26
CG QUJ E 1 -2.82 -7.00 -7.00
CD QUJ E 1 -2.80 -6.77 -8.53
CE2 QUJ E 1 -2.03 -7.82 -9.31
CE1 QUJ E 1 -2.25 -5.45 -8.91
C7 A1IU4 E 2 -6.92 -2.22 -9.42
C8 A1IU4 E 2 -4.63 -2.73 -9.87
C9 A1IU4 E 2 -4.28 -1.96 -8.79
O1 A1IU4 E 2 -3.52 -0.32 -6.68
C1 A1IU4 E 2 -4.75 -0.49 -6.92
C5 A1IU4 E 2 -6.41 -3.64 -11.27
C6 A1IU4 E 2 -5.97 -2.89 -10.21
C4 A1IU4 E 2 -7.80 -3.75 -11.54
C3 A1IU4 E 2 -8.76 -3.10 -10.73
C A1IU4 E 2 -10.26 -1.43 -8.47
O A1IU4 E 2 -11.21 -1.50 -9.25
C10 A1IU4 E 2 -5.24 -1.31 -7.99
N11 A1IU4 E 2 -6.52 -1.48 -8.36
CA A1IU4 E 2 -8.31 -2.32 -9.68
N A1IU4 E 2 -8.98 -1.67 -8.70
OB A1IU4 E 2 -3.65 -3.31 -10.60
O QUK E 3 -7.25 -1.19 -2.03
C QUK E 3 -7.70 -1.24 -3.17
C10 QUK E 3 -8.97 -0.64 -3.51
N11 QUK E 3 -9.50 -0.73 -4.75
C7 QUK E 3 -10.71 -0.23 -5.09
CA QUK E 3 -11.17 -0.45 -6.40
N QUK E 3 -10.24 -1.08 -7.18
C9 QUK E 3 -9.74 0.04 -2.56
C8 QUK E 3 -10.96 0.61 -2.87
C6 QUK E 3 -11.50 0.46 -4.15
C5 QUK E 3 -12.73 0.99 -4.54
C4 QUK E 3 -13.20 0.78 -5.85
C3 QUK E 3 -12.40 0.10 -6.79
OB QUK E 3 -11.61 1.27 -1.89
C2 QUJ E 4 -5.44 0.86 -5.10
C3 QUJ E 4 -4.32 0.86 -4.22
C4 QUJ E 4 -4.31 1.67 -3.05
C5 QUJ E 4 -5.39 2.49 -2.80
C6 QUJ E 4 -6.48 2.50 -3.64
C8 QUJ E 4 -7.56 3.35 -3.38
C9 QUJ E 4 -8.64 3.34 -4.22
CA QUJ E 4 -8.64 2.51 -5.37
O QUJ E 4 -10.59 3.45 -6.04
C QUJ E 4 -9.72 2.58 -6.24
N11 QUJ E 4 -7.60 1.70 -5.60
C7 QUJ E 4 -6.52 1.68 -4.80
N QUJ E 4 -5.67 0.11 -6.20
OB QUJ E 4 -7.52 4.15 -2.31
OXT QUJ E 4 -9.76 1.91 -7.31
ZN ZN F . 8.84 -14.45 -9.27
C1 GOL G . -0.60 -3.19 -10.86
O1 GOL G . -1.39 -4.25 -11.44
C2 GOL G . 0.67 -3.88 -10.32
O2 GOL G . 1.26 -4.85 -11.21
C3 GOL G . 1.70 -2.82 -10.03
O3 GOL G . 2.64 -3.31 -9.07
C1 GOL H . 3.43 -12.28 -9.94
O1 GOL H . 2.34 -12.87 -9.27
C2 GOL H . 4.18 -13.20 -10.91
O2 GOL H . 3.31 -13.63 -11.94
C3 GOL H . 5.44 -12.50 -11.49
O3 GOL H . 5.06 -11.43 -12.35
C1 GOL I . 15.15 -6.34 -19.13
O1 GOL I . 14.00 -5.51 -19.28
C2 GOL I . 14.66 -7.76 -18.99
O2 GOL I . 14.02 -8.21 -20.20
C3 GOL I . 15.81 -8.71 -18.64
O3 GOL I . 16.42 -8.31 -17.39
C1 GOL J . 28.62 -23.82 1.29
O1 GOL J . 29.82 -24.03 2.02
C2 GOL J . 28.66 -22.40 0.75
O2 GOL J . 29.86 -22.12 0.01
C3 GOL J . 27.46 -22.22 -0.15
O3 GOL J . 27.33 -20.85 -0.52
ZN ZN K . -9.57 14.26 8.73
C1 GOL L . -11.41 1.82 1.21
O1 GOL L . -12.03 2.73 0.27
C2 GOL L . -10.64 2.67 2.25
O2 GOL L . -11.49 3.59 2.91
C3 GOL L . -9.97 1.77 3.27
O3 GOL L . -9.06 2.57 4.07
C1 GOL M . -10.88 11.01 3.54
C1 GOL M . -11.24 11.27 3.87
O1 GOL M . -10.45 11.78 2.42
O1 GOL M . -10.46 11.94 2.87
C2 GOL M . -11.57 11.97 4.51
C2 GOL M . -12.12 12.30 4.54
O2 GOL M . -12.85 12.39 3.97
O2 GOL M . -13.26 12.54 3.73
C3 GOL M . -11.62 11.43 5.96
C3 GOL M . -12.44 11.91 6.00
O3 GOL M . -10.34 11.17 6.58
O3 GOL M . -12.88 10.57 6.00
C1 GOL N . -17.18 6.15 17.59
O1 GOL N . -17.43 5.17 16.58
C2 GOL N . -17.28 7.50 16.91
O2 GOL N . -18.64 7.72 16.51
C3 GOL N . -16.81 8.66 17.81
O3 GOL N . -15.52 8.33 18.34
C1 GOL O . -32.92 9.10 1.62
O1 GOL O . -32.75 10.42 1.09
C2 GOL O . -31.83 8.77 2.67
O2 GOL O . -31.91 9.66 3.81
C3 GOL O . -32.05 7.33 3.13
O3 GOL O . -31.65 6.40 2.09
C1 GOL P . -9.31 12.60 -1.36
O1 GOL P . -9.40 13.78 -2.17
C2 GOL P . -7.97 12.01 -1.74
O2 GOL P . -7.76 12.34 -3.11
C3 GOL P . -6.82 12.63 -1.01
O3 GOL P . -7.14 12.68 0.35
C1 GOL Q . -8.60 31.02 -3.46
O1 GOL Q . -7.72 31.64 -2.57
C2 GOL Q . -9.10 31.99 -4.51
O2 GOL Q . -8.44 31.64 -5.75
C3 GOL Q . -10.62 31.85 -4.64
O3 GOL Q . -10.92 31.04 -5.77
C1 GOL R . 2.92 27.12 25.27
O1 GOL R . 3.76 27.52 26.36
C2 GOL R . 2.58 25.68 25.50
O2 GOL R . 2.05 25.51 26.84
C3 GOL R . 1.55 25.23 24.46
O3 GOL R . 1.23 23.85 24.62
C1 GOL S . -1.31 -13.90 -7.30
O1 GOL S . -1.94 -15.16 -6.97
C2 GOL S . -1.47 -13.04 -6.06
O2 GOL S . -2.83 -13.19 -5.65
C3 GOL S . -0.56 -13.55 -4.96
O3 GOL S . 0.77 -13.56 -5.49
#